data_8VZP
#
_entry.id   8VZP
#
_cell.length_a   53.558
_cell.length_b   58.906
_cell.length_c   93.244
_cell.angle_alpha   86.76
_cell.angle_beta   74.95
_cell.angle_gamma   63.05
#
_symmetry.space_group_name_H-M   'P 1'
#
loop_
_entity.id
_entity.type
_entity.pdbx_description
1 polymer 'Estrogen receptor'
2 non-polymer (1S,2R,4S)-N-(2-hydroxyethyl)-5,6-bis(4-hydroxyphenyl)-N-(4-methoxyphenyl)-7-oxabicyclo[2.2.1]hept-5-ene-2-sulfonamide
3 water water
#
_entity_poly.entity_id   1
_entity_poly.type   'polypeptide(L)'
_entity_poly.pdbx_seq_one_letter_code
;SLALSLTADQMVSALLDAEPPILYSEYDPTRPFSEASMMGLLTNLADRELVHMINWAKRVPGFVDLTSHDQVHLLECAWL
EILMIGLVWRSMEHPGKLLFAPNLLLDRNQGKCVEGMVEIFDMLLATSSRFRMMNLQGEEFVCLKSIILLNSGVYTFLSS
TLKSLEEKDHIHRVLDKITDTLIHLMAKAGLTLQQQHQRLAQLLLILSHIRHMSNKGMEHLYSMKCKNVVPSYDLLLEML
DA
;
_entity_poly.pdbx_strand_id   A,B,C,D
#
loop_
_chem_comp.id
_chem_comp.type
_chem_comp.name
_chem_comp.formula
A1AHW non-polymer (1S,2R,4S)-N-(2-hydroxyethyl)-5,6-bis(4-hydroxyphenyl)-N-(4-methoxyphenyl)-7-oxabicyclo[2.2.1]hept-5-ene-2-sulfonamide 'C27 H27 N O7 S'
#
# COMPACT_ATOMS: atom_id res chain seq x y z
N LEU A 2 9.38 5.68 -29.91
CA LEU A 2 8.69 5.62 -31.19
C LEU A 2 7.27 6.18 -31.09
N ALA A 3 6.72 6.22 -29.87
CA ALA A 3 5.33 6.62 -29.71
C ALA A 3 5.10 8.07 -30.11
N LEU A 4 6.04 8.95 -29.80
CA LEU A 4 5.92 10.36 -30.14
C LEU A 4 6.18 10.65 -31.61
N SER A 5 6.64 9.66 -32.38
CA SER A 5 6.80 9.80 -33.82
C SER A 5 5.56 9.39 -34.60
N LEU A 6 4.56 8.83 -33.94
CA LEU A 6 3.35 8.41 -34.63
C LEU A 6 2.59 9.60 -35.18
N THR A 7 2.00 9.43 -36.36
CA THR A 7 1.04 10.39 -36.88
C THR A 7 -0.29 10.22 -36.17
N ALA A 8 -1.13 11.26 -36.25
CA ALA A 8 -2.49 11.17 -35.70
C ALA A 8 -3.21 9.96 -36.29
N ASP A 9 -3.05 9.76 -37.59
CA ASP A 9 -3.67 8.64 -38.28
C ASP A 9 -3.21 7.30 -37.73
N GLN A 10 -1.91 7.16 -37.50
CA GLN A 10 -1.36 5.93 -36.94
C GLN A 10 -1.78 5.73 -35.49
N MET A 11 -2.00 6.84 -34.77
CA MET A 11 -2.39 6.74 -33.38
C MET A 11 -3.78 6.14 -33.25
N VAL A 12 -4.74 6.64 -34.03
CA VAL A 12 -6.10 6.10 -34.00
C VAL A 12 -6.10 4.63 -34.40
N SER A 13 -5.32 4.27 -35.42
CA SER A 13 -5.27 2.86 -35.84
C SER A 13 -4.70 1.98 -34.73
N ALA A 14 -3.66 2.47 -34.04
CA ALA A 14 -3.08 1.71 -32.94
C ALA A 14 -4.07 1.55 -31.79
N LEU A 15 -4.74 2.64 -31.40
CA LEU A 15 -5.71 2.56 -30.31
C LEU A 15 -6.90 1.67 -30.68
N LEU A 16 -7.35 1.75 -31.92
CA LEU A 16 -8.49 0.93 -32.32
C LEU A 16 -8.14 -0.55 -32.28
N ASP A 17 -6.94 -0.90 -32.74
CA ASP A 17 -6.49 -2.29 -32.76
C ASP A 17 -6.28 -2.87 -31.36
N ALA A 18 -6.02 -2.03 -30.37
CA ALA A 18 -5.65 -2.47 -29.02
C ALA A 18 -6.86 -2.78 -28.17
N GLU A 19 -7.98 -2.58 -28.67
CA GLU A 19 -9.19 -2.40 -27.91
C GLU A 19 -9.65 -3.79 -27.44
N PRO A 20 -10.11 -3.91 -26.20
CA PRO A 20 -10.33 -5.23 -25.59
C PRO A 20 -11.64 -5.86 -26.03
N PRO A 21 -11.81 -7.17 -25.81
CA PRO A 21 -13.07 -7.81 -26.17
C PRO A 21 -14.18 -7.39 -25.23
N ILE A 22 -15.45 -7.68 -25.62
CA ILE A 22 -16.53 -7.56 -24.66
C ILE A 22 -16.77 -8.93 -24.05
N LEU A 23 -16.82 -8.98 -22.75
CA LEU A 23 -16.94 -10.23 -22.01
C LEU A 23 -18.36 -10.40 -21.52
N TYR A 24 -18.71 -11.64 -21.20
CA TYR A 24 -20.02 -11.95 -20.67
C TYR A 24 -19.96 -12.08 -19.17
N SER A 25 -21.08 -11.72 -18.55
CA SER A 25 -21.34 -12.05 -17.17
C SER A 25 -21.49 -13.57 -17.04
N GLU A 26 -21.23 -14.06 -15.83
CA GLU A 26 -21.49 -15.47 -15.52
C GLU A 26 -22.86 -15.87 -16.04
N TYR A 27 -22.93 -17.00 -16.72
CA TYR A 27 -24.18 -17.36 -17.36
C TYR A 27 -25.22 -17.81 -16.34
N ASP A 28 -26.48 -17.51 -16.65
CA ASP A 28 -27.64 -17.94 -15.86
C ASP A 28 -27.42 -17.77 -14.38
N PRO A 29 -27.22 -16.56 -13.89
CA PRO A 29 -27.24 -16.33 -12.44
C PRO A 29 -28.66 -16.43 -11.91
N THR A 30 -28.77 -16.78 -10.63
CA THR A 30 -30.07 -16.78 -9.97
C THR A 30 -30.65 -15.37 -10.01
N ARG A 31 -31.83 -15.23 -10.59
CA ARG A 31 -32.53 -13.97 -10.60
C ARG A 31 -33.85 -14.15 -9.87
N PRO A 32 -34.32 -13.15 -9.12
CA PRO A 32 -33.81 -11.80 -8.85
C PRO A 32 -32.50 -11.85 -8.08
N PHE A 33 -31.75 -10.75 -8.07
CA PHE A 33 -30.49 -10.71 -7.36
C PHE A 33 -30.67 -10.35 -5.89
N SER A 34 -29.71 -10.79 -5.08
CA SER A 34 -29.44 -10.22 -3.77
C SER A 34 -28.29 -9.24 -3.90
N GLU A 35 -28.14 -8.36 -2.90
CA GLU A 35 -27.01 -7.45 -2.92
C GLU A 35 -25.71 -8.23 -3.08
N ALA A 36 -25.57 -9.33 -2.34
CA ALA A 36 -24.32 -10.08 -2.40
C ALA A 36 -24.14 -10.76 -3.75
N SER A 37 -25.23 -11.26 -4.35
CA SER A 37 -25.09 -11.98 -5.60
C SER A 37 -24.83 -11.03 -6.75
N MET A 38 -25.43 -9.84 -6.71
CA MET A 38 -25.11 -8.84 -7.71
C MET A 38 -23.67 -8.37 -7.60
N MET A 39 -23.22 -8.08 -6.38
CA MET A 39 -21.81 -7.72 -6.22
C MET A 39 -20.91 -8.86 -6.64
N GLY A 40 -21.35 -10.10 -6.44
CA GLY A 40 -20.57 -11.24 -6.89
C GLY A 40 -20.45 -11.31 -8.40
N LEU A 41 -21.55 -11.09 -9.10
CA LEU A 41 -21.49 -11.10 -10.56
C LEU A 41 -20.62 -9.97 -11.08
N LEU A 42 -20.80 -8.77 -10.54
CA LEU A 42 -20.06 -7.63 -11.07
C LEU A 42 -18.57 -7.76 -10.79
N THR A 43 -18.21 -8.27 -9.60
CA THR A 43 -16.80 -8.45 -9.26
C THR A 43 -16.13 -9.48 -10.17
N ASN A 44 -16.86 -10.57 -10.46
CA ASN A 44 -16.34 -11.60 -11.35
C ASN A 44 -16.18 -11.08 -12.77
N LEU A 45 -17.11 -10.25 -13.22
CA LEU A 45 -16.94 -9.63 -14.53
C LEU A 45 -15.74 -8.70 -14.54
N ALA A 46 -15.60 -7.86 -13.49
CA ALA A 46 -14.52 -6.88 -13.46
C ALA A 46 -13.15 -7.55 -13.40
N ASP A 47 -13.03 -8.59 -12.57
CA ASP A 47 -11.78 -9.32 -12.47
C ASP A 47 -11.34 -9.88 -13.81
N ARG A 48 -12.28 -10.38 -14.61
CA ARG A 48 -11.91 -10.92 -15.92
C ARG A 48 -11.59 -9.80 -16.89
N GLU A 49 -12.28 -8.66 -16.77
CA GLU A 49 -11.97 -7.54 -17.64
C GLU A 49 -10.61 -6.97 -17.33
N LEU A 50 -10.18 -7.04 -16.08
CA LEU A 50 -8.92 -6.41 -15.72
C LEU A 50 -7.76 -7.04 -16.48
N VAL A 51 -7.79 -8.36 -16.64
CA VAL A 51 -6.75 -9.04 -17.40
C VAL A 51 -6.65 -8.44 -18.80
N HIS A 52 -7.79 -8.25 -19.48
CA HIS A 52 -7.70 -7.69 -20.81
C HIS A 52 -7.38 -6.19 -20.79
N MET A 53 -7.65 -5.50 -19.68
CA MET A 53 -7.24 -4.11 -19.57
C MET A 53 -5.72 -3.97 -19.52
N ILE A 54 -5.02 -4.90 -18.85
CA ILE A 54 -3.55 -4.81 -18.90
C ILE A 54 -3.05 -5.02 -20.32
N ASN A 55 -3.67 -5.93 -21.07
CA ASN A 55 -3.22 -6.16 -22.45
C ASN A 55 -3.43 -4.91 -23.30
N TRP A 56 -4.61 -4.30 -23.16
CA TRP A 56 -4.86 -3.04 -23.87
C TRP A 56 -3.86 -1.97 -23.46
N ALA A 57 -3.65 -1.80 -22.15
CA ALA A 57 -2.76 -0.75 -21.67
C ALA A 57 -1.37 -0.89 -22.27
N LYS A 58 -0.86 -2.12 -22.34
CA LYS A 58 0.48 -2.35 -22.87
C LYS A 58 0.57 -1.96 -24.33
N ARG A 59 -0.57 -1.81 -25.02
CA ARG A 59 -0.59 -1.41 -26.42
C ARG A 59 -0.95 0.05 -26.63
N VAL A 60 -1.17 0.81 -25.56
CA VAL A 60 -1.40 2.25 -25.69
C VAL A 60 -0.05 2.87 -26.03
N PRO A 61 0.09 3.57 -27.16
CA PRO A 61 1.42 4.11 -27.51
C PRO A 61 2.02 4.90 -26.35
N GLY A 62 3.28 4.58 -26.02
CA GLY A 62 3.99 5.25 -24.96
C GLY A 62 3.86 4.62 -23.59
N PHE A 63 2.82 3.83 -23.34
CA PHE A 63 2.65 3.27 -22.00
C PHE A 63 3.84 2.41 -21.61
N VAL A 64 4.31 1.56 -22.53
CA VAL A 64 5.30 0.55 -22.17
C VAL A 64 6.71 1.13 -22.09
N ASP A 65 6.88 2.40 -22.51
CA ASP A 65 8.15 3.08 -22.30
C ASP A 65 8.40 3.39 -20.84
N LEU A 66 7.36 3.38 -20.02
CA LEU A 66 7.48 3.66 -18.60
C LEU A 66 8.03 2.44 -17.86
N THR A 67 8.65 2.71 -16.72
CA THR A 67 9.01 1.64 -15.81
C THR A 67 7.75 0.88 -15.38
N SER A 68 7.94 -0.35 -14.92
CA SER A 68 6.81 -1.16 -14.49
C SER A 68 6.09 -0.52 -13.31
N HIS A 69 6.85 0.05 -12.38
CA HIS A 69 6.25 0.73 -11.23
C HIS A 69 5.29 1.83 -11.68
N ASP A 70 5.73 2.69 -12.61
CA ASP A 70 4.88 3.77 -13.05
C ASP A 70 3.67 3.25 -13.83
N GLN A 71 3.85 2.15 -14.57
CA GLN A 71 2.73 1.52 -15.27
C GLN A 71 1.68 1.03 -14.28
N VAL A 72 2.12 0.35 -13.22
CA VAL A 72 1.19 -0.10 -12.20
C VAL A 72 0.52 1.09 -11.52
N HIS A 73 1.28 2.15 -11.25
CA HIS A 73 0.69 3.28 -10.55
C HIS A 73 -0.45 3.88 -11.37
N LEU A 74 -0.28 3.94 -12.69
CA LEU A 74 -1.32 4.52 -13.55
C LEU A 74 -2.56 3.65 -13.60
N LEU A 75 -2.37 2.32 -13.65
CA LEU A 75 -3.48 1.39 -13.71
C LEU A 75 -4.23 1.35 -12.39
N GLU A 76 -3.50 1.37 -11.28
CA GLU A 76 -4.13 1.44 -9.96
C GLU A 76 -4.99 2.68 -9.83
N CYS A 77 -4.48 3.83 -10.30
CA CYS A 77 -5.29 5.05 -10.30
C CYS A 77 -6.46 5.06 -11.26
N ALA A 78 -6.34 4.40 -12.41
CA ALA A 78 -7.31 4.55 -13.47
C ALA A 78 -8.25 3.38 -13.66
N TRP A 79 -8.02 2.22 -13.04
CA TRP A 79 -8.71 1.00 -13.50
C TRP A 79 -10.24 1.14 -13.46
N LEU A 80 -10.79 1.75 -12.40
CA LEU A 80 -12.26 1.82 -12.29
C LEU A 80 -12.84 2.86 -13.26
N GLU A 81 -12.15 3.98 -13.42
CA GLU A 81 -12.53 4.94 -14.47
C GLU A 81 -12.57 4.28 -15.84
N ILE A 82 -11.55 3.47 -16.16
CA ILE A 82 -11.51 2.77 -17.44
C ILE A 82 -12.68 1.79 -17.56
N LEU A 83 -12.94 1.01 -16.51
CA LEU A 83 -14.09 0.12 -16.57
C LEU A 83 -15.37 0.93 -16.77
N MET A 84 -15.49 2.10 -16.12
CA MET A 84 -16.77 2.81 -16.20
C MET A 84 -16.97 3.47 -17.54
N ILE A 85 -15.90 3.97 -18.17
CA ILE A 85 -16.11 4.60 -19.47
C ILE A 85 -16.43 3.54 -20.51
N GLY A 86 -15.86 2.34 -20.38
CA GLY A 86 -16.29 1.24 -21.24
C GLY A 86 -17.74 0.88 -21.04
N LEU A 87 -18.20 0.84 -19.79
CA LEU A 87 -19.61 0.62 -19.51
C LEU A 87 -20.47 1.71 -20.13
N VAL A 88 -20.05 2.97 -19.97
CA VAL A 88 -20.86 4.07 -20.51
C VAL A 88 -20.96 3.96 -22.03
N TRP A 89 -19.84 3.66 -22.68
CA TRP A 89 -19.83 3.47 -24.13
C TRP A 89 -20.73 2.32 -24.56
N ARG A 90 -20.60 1.17 -23.91
CA ARG A 90 -21.44 0.02 -24.26
C ARG A 90 -22.93 0.37 -24.16
N SER A 91 -23.27 1.30 -23.28
CA SER A 91 -24.66 1.56 -22.93
C SER A 91 -25.29 2.70 -23.71
N MET A 92 -24.51 3.39 -24.56
CA MET A 92 -25.05 4.55 -25.27
C MET A 92 -26.32 4.22 -26.02
N GLU A 93 -26.37 3.06 -26.69
CA GLU A 93 -27.53 2.71 -27.49
C GLU A 93 -28.62 2.02 -26.69
N HIS A 94 -28.64 2.18 -25.36
CA HIS A 94 -29.65 1.59 -24.50
C HIS A 94 -30.04 2.61 -23.44
N PRO A 95 -30.86 3.60 -23.80
CA PRO A 95 -31.24 4.64 -22.83
C PRO A 95 -32.01 4.06 -21.64
N GLY A 96 -31.63 4.48 -20.45
CA GLY A 96 -32.24 4.00 -19.22
C GLY A 96 -31.59 2.76 -18.60
N LYS A 97 -30.46 2.31 -19.14
CA LYS A 97 -29.91 0.93 -18.98
C LYS A 97 -28.43 0.96 -19.16
N LEU A 98 -27.81 0.14 -18.35
CA LEU A 98 -26.38 -0.06 -18.30
C LEU A 98 -26.11 -1.48 -18.80
N LEU A 99 -25.42 -1.57 -19.94
CA LEU A 99 -25.04 -2.85 -20.54
C LEU A 99 -23.70 -3.27 -19.92
N PHE A 100 -23.78 -3.90 -18.74
CA PHE A 100 -22.56 -4.40 -18.12
C PHE A 100 -21.94 -5.50 -18.97
N ALA A 101 -22.76 -6.36 -19.56
CA ALA A 101 -22.34 -7.34 -20.54
C ALA A 101 -23.51 -7.63 -21.46
N PRO A 102 -23.27 -8.24 -22.63
CA PRO A 102 -24.39 -8.50 -23.53
C PRO A 102 -25.52 -9.27 -22.87
N ASN A 103 -25.23 -10.09 -21.86
CA ASN A 103 -26.24 -10.86 -21.14
C ASN A 103 -26.59 -10.26 -19.79
N LEU A 104 -26.25 -8.99 -19.55
CA LEU A 104 -26.50 -8.36 -18.25
C LEU A 104 -26.77 -6.87 -18.51
N LEU A 105 -28.01 -6.59 -18.90
CA LEU A 105 -28.50 -5.24 -19.12
C LEU A 105 -29.42 -4.89 -17.95
N LEU A 106 -29.06 -3.87 -17.19
CA LEU A 106 -29.77 -3.53 -15.96
C LEU A 106 -30.38 -2.15 -16.08
N ASP A 107 -31.64 -2.03 -15.64
CA ASP A 107 -32.32 -0.75 -15.55
C ASP A 107 -32.05 -0.14 -14.17
N ARG A 108 -32.55 1.09 -13.98
CA ARG A 108 -32.22 1.84 -12.77
C ARG A 108 -32.78 1.16 -11.51
N ASN A 109 -33.98 0.57 -11.62
CA ASN A 109 -34.57 -0.10 -10.47
C ASN A 109 -33.69 -1.25 -9.99
N GLN A 110 -32.90 -1.85 -10.87
CA GLN A 110 -32.02 -2.93 -10.47
C GLN A 110 -30.78 -2.43 -9.74
N GLY A 111 -30.39 -1.17 -9.93
CA GLY A 111 -29.30 -0.61 -9.15
C GLY A 111 -29.63 -0.45 -7.68
N LYS A 112 -30.91 -0.41 -7.33
CA LYS A 112 -31.31 -0.26 -5.93
C LYS A 112 -30.98 -1.50 -5.09
N CYS A 113 -30.68 -2.65 -5.70
CA CYS A 113 -30.43 -3.84 -4.89
C CYS A 113 -29.19 -3.69 -4.02
N VAL A 114 -28.24 -2.89 -4.43
CA VAL A 114 -27.05 -2.62 -3.61
C VAL A 114 -27.22 -1.27 -2.93
N GLU A 115 -26.68 -1.15 -1.73
CA GLU A 115 -26.80 0.09 -0.98
C GLU A 115 -25.97 1.18 -1.65
N GLY A 116 -26.61 2.31 -1.94
CA GLY A 116 -25.93 3.49 -2.46
C GLY A 116 -25.50 3.41 -3.91
N MET A 117 -25.75 2.29 -4.59
CA MET A 117 -25.32 2.12 -5.97
C MET A 117 -26.42 2.44 -6.97
N VAL A 118 -27.57 2.97 -6.52
CA VAL A 118 -28.45 3.66 -7.46
C VAL A 118 -27.89 5.05 -7.78
N GLU A 119 -27.29 5.71 -6.79
CA GLU A 119 -26.67 7.01 -7.00
C GLU A 119 -25.65 6.96 -8.13
N ILE A 120 -24.68 6.06 -8.03
CA ILE A 120 -23.70 5.92 -9.09
C ILE A 120 -24.38 5.49 -10.35
N PHE A 121 -25.53 4.86 -10.21
CA PHE A 121 -26.02 4.10 -11.32
C PHE A 121 -26.58 5.19 -12.23
N ASP A 122 -27.25 6.15 -11.55
CA ASP A 122 -27.77 7.37 -12.12
C ASP A 122 -26.67 8.23 -12.74
N MET A 123 -25.52 8.33 -12.08
CA MET A 123 -24.41 9.10 -12.65
C MET A 123 -23.92 8.48 -13.95
N LEU A 124 -23.83 7.14 -14.01
CA LEU A 124 -23.37 6.50 -15.23
C LEU A 124 -24.37 6.72 -16.37
N LEU A 125 -25.67 6.64 -16.05
CA LEU A 125 -26.70 6.89 -17.06
C LEU A 125 -26.60 8.31 -17.61
N ALA A 126 -26.36 9.30 -16.74
CA ALA A 126 -26.24 10.67 -17.22
C ALA A 126 -25.04 10.82 -18.17
N THR A 127 -23.97 10.06 -17.94
CA THR A 127 -22.81 10.16 -18.81
C THR A 127 -23.08 9.55 -20.17
N SER A 128 -23.74 8.40 -20.19
CA SER A 128 -24.10 7.77 -21.46
C SER A 128 -25.03 8.68 -22.26
N SER A 129 -25.97 9.34 -21.59
CA SER A 129 -26.83 10.30 -22.28
C SER A 129 -26.03 11.47 -22.85
N ARG A 130 -25.06 11.98 -22.09
CA ARG A 130 -24.23 13.05 -22.60
C ARG A 130 -23.45 12.62 -23.84
N PHE A 131 -22.83 11.42 -23.80
CA PHE A 131 -22.14 10.90 -24.98
C PHE A 131 -23.09 10.75 -26.16
N ARG A 132 -24.27 10.20 -25.90
CA ARG A 132 -25.28 10.06 -26.94
C ARG A 132 -25.57 11.43 -27.56
N MET A 133 -25.80 12.44 -26.72
CA MET A 133 -26.20 13.75 -27.23
C MET A 133 -25.05 14.45 -27.97
N MET A 134 -23.81 14.21 -27.55
CA MET A 134 -22.65 14.69 -28.27
C MET A 134 -22.35 13.87 -29.51
N ASN A 135 -22.89 12.64 -29.55
CA ASN A 135 -22.76 11.76 -30.69
C ASN A 135 -21.28 11.37 -30.78
N LEU A 136 -20.77 10.97 -29.63
CA LEU A 136 -19.39 10.57 -29.49
C LEU A 136 -19.10 9.43 -30.44
N GLN A 137 -17.96 9.52 -31.11
CA GLN A 137 -17.54 8.55 -32.11
C GLN A 137 -16.52 7.58 -31.52
N GLY A 138 -16.53 6.35 -32.06
CA GLY A 138 -15.61 5.34 -31.55
C GLY A 138 -14.16 5.79 -31.50
N GLU A 139 -13.72 6.51 -32.53
CA GLU A 139 -12.34 6.98 -32.54
C GLU A 139 -12.08 7.97 -31.41
N GLU A 140 -13.07 8.79 -31.08
CA GLU A 140 -12.93 9.69 -29.94
C GLU A 140 -12.90 8.92 -28.63
N PHE A 141 -13.74 7.90 -28.51
CA PHE A 141 -13.79 7.11 -27.28
C PHE A 141 -12.43 6.49 -26.97
N VAL A 142 -11.74 5.91 -27.96
CA VAL A 142 -10.48 5.25 -27.66
C VAL A 142 -9.43 6.29 -27.25
N CYS A 143 -9.48 7.49 -27.84
CA CYS A 143 -8.57 8.54 -27.39
C CYS A 143 -8.85 8.90 -25.93
N LEU A 144 -10.13 8.99 -25.57
CA LEU A 144 -10.50 9.42 -24.22
C LEU A 144 -10.10 8.38 -23.18
N LYS A 145 -10.30 7.10 -23.49
CA LYS A 145 -9.93 6.01 -22.59
C LYS A 145 -8.43 6.00 -22.34
N SER A 146 -7.65 6.28 -23.38
CA SER A 146 -6.20 6.40 -23.26
C SER A 146 -5.78 7.62 -22.45
N ILE A 147 -6.50 8.74 -22.60
CA ILE A 147 -6.16 9.90 -21.79
C ILE A 147 -6.36 9.58 -20.32
N ILE A 148 -7.41 8.81 -20.00
CA ILE A 148 -7.71 8.46 -18.61
C ILE A 148 -6.57 7.65 -18.02
N LEU A 149 -6.07 6.67 -18.79
CA LEU A 149 -4.96 5.83 -18.36
C LEU A 149 -3.72 6.66 -18.06
N LEU A 150 -3.39 7.60 -18.94
CA LEU A 150 -2.17 8.38 -18.79
C LEU A 150 -2.35 9.54 -17.82
N ASN A 151 -3.56 10.11 -17.73
CA ASN A 151 -3.76 11.29 -16.89
C ASN A 151 -4.03 10.99 -15.43
N SER A 152 -4.79 9.92 -15.13
CA SER A 152 -5.36 9.81 -13.79
C SER A 152 -4.28 9.73 -12.73
N GLY A 153 -3.17 9.08 -13.02
CA GLY A 153 -2.14 8.87 -12.01
C GLY A 153 -0.93 9.78 -12.12
N VAL A 154 -0.85 10.57 -13.19
CA VAL A 154 0.41 11.26 -13.48
C VAL A 154 0.72 12.31 -12.42
N TYR A 155 -0.29 12.96 -11.85
CA TYR A 155 -0.04 14.01 -10.86
C TYR A 155 0.22 13.46 -9.46
N THR A 156 0.21 12.14 -9.27
CA THR A 156 0.50 11.55 -7.96
C THR A 156 1.70 10.62 -7.97
N PHE A 157 2.61 10.78 -8.93
CA PHE A 157 3.95 10.19 -8.85
C PHE A 157 4.70 10.74 -7.64
N THR A 161 13.60 12.80 -8.93
CA THR A 161 14.87 12.99 -9.61
C THR A 161 14.60 13.32 -11.08
N LEU A 162 15.66 13.47 -11.87
CA LEU A 162 15.45 13.73 -13.30
C LEU A 162 14.63 12.63 -13.95
N LYS A 163 14.92 11.37 -13.61
CA LYS A 163 14.21 10.25 -14.19
C LYS A 163 12.71 10.38 -14.02
N SER A 164 12.27 10.74 -12.81
CA SER A 164 10.85 10.99 -12.58
C SER A 164 10.35 12.18 -13.39
N LEU A 165 11.12 13.27 -13.41
CA LEU A 165 10.76 14.43 -14.22
C LEU A 165 10.66 14.05 -15.70
N GLU A 166 11.51 13.14 -16.15
CA GLU A 166 11.45 12.67 -17.55
C GLU A 166 10.24 11.79 -17.79
N GLU A 167 9.92 10.88 -16.86
CA GLU A 167 8.73 10.05 -17.02
C GLU A 167 7.49 10.91 -17.20
N LYS A 168 7.31 11.91 -16.33
CA LYS A 168 6.15 12.78 -16.44
C LYS A 168 6.14 13.53 -17.75
N ASP A 169 7.31 14.03 -18.17
CA ASP A 169 7.39 14.75 -19.44
C ASP A 169 6.97 13.85 -20.58
N HIS A 170 7.45 12.61 -20.58
CA HIS A 170 7.04 11.64 -21.58
C HIS A 170 5.54 11.43 -21.57
N ILE A 171 4.94 11.31 -20.38
CA ILE A 171 3.49 11.14 -20.30
C ILE A 171 2.78 12.37 -20.83
N HIS A 172 3.26 13.56 -20.49
CA HIS A 172 2.59 14.76 -20.97
C HIS A 172 2.79 14.92 -22.48
N ARG A 173 3.91 14.43 -23.01
CA ARG A 173 4.12 14.48 -24.45
C ARG A 173 3.19 13.51 -25.17
N VAL A 174 2.97 12.33 -24.62
CA VAL A 174 2.02 11.41 -25.25
C VAL A 174 0.60 11.94 -25.14
N LEU A 175 0.25 12.54 -24.01
CA LEU A 175 -1.06 13.17 -23.86
C LEU A 175 -1.28 14.27 -24.91
N ASP A 176 -0.26 15.11 -25.12
CA ASP A 176 -0.31 16.08 -26.22
C ASP A 176 -0.57 15.38 -27.56
N LYS A 177 0.12 14.27 -27.81
CA LYS A 177 -0.08 13.56 -29.06
C LYS A 177 -1.52 13.08 -29.20
N ILE A 178 -2.12 12.59 -28.10
CA ILE A 178 -3.50 12.15 -28.18
C ILE A 178 -4.43 13.34 -28.36
N THR A 179 -4.12 14.48 -27.73
CA THR A 179 -4.87 15.70 -27.98
C THR A 179 -4.83 16.08 -29.46
N ASP A 180 -3.64 16.10 -30.07
CA ASP A 180 -3.55 16.41 -31.49
C ASP A 180 -4.37 15.43 -32.31
N THR A 181 -4.47 14.18 -31.86
CA THR A 181 -5.23 13.18 -32.60
C THR A 181 -6.73 13.48 -32.54
N LEU A 182 -7.24 13.83 -31.35
CA LEU A 182 -8.63 14.23 -31.21
C LEU A 182 -8.95 15.40 -32.13
N ILE A 183 -8.13 16.44 -32.09
CA ILE A 183 -8.32 17.58 -32.99
C ILE A 183 -8.29 17.13 -34.44
N HIS A 184 -7.28 16.34 -34.83
CA HIS A 184 -7.24 15.86 -36.21
C HIS A 184 -8.53 15.16 -36.59
N LEU A 185 -9.04 14.31 -35.70
CA LEU A 185 -10.28 13.60 -36.02
C LEU A 185 -11.44 14.58 -36.21
N MET A 186 -11.54 15.60 -35.36
CA MET A 186 -12.65 16.54 -35.51
C MET A 186 -12.48 17.41 -36.75
N ALA A 187 -11.24 17.76 -37.11
CA ALA A 187 -11.03 18.53 -38.34
C ALA A 187 -11.46 17.74 -39.58
N LYS A 188 -11.01 16.50 -39.68
CA LYS A 188 -11.36 15.70 -40.85
C LYS A 188 -12.87 15.49 -40.95
N ALA A 189 -13.58 15.54 -39.82
CA ALA A 189 -15.03 15.40 -39.79
C ALA A 189 -15.75 16.66 -40.26
N GLY A 190 -15.03 17.76 -40.45
CA GLY A 190 -15.60 18.99 -40.95
C GLY A 190 -15.93 20.06 -39.92
N LEU A 191 -15.42 19.94 -38.70
CA LEU A 191 -15.69 20.96 -37.68
C LEU A 191 -14.82 22.20 -37.89
N THR A 192 -15.43 23.38 -37.69
CA THR A 192 -14.67 24.61 -37.81
C THR A 192 -13.63 24.55 -36.68
N LEU A 193 -12.67 25.49 -36.71
CA LEU A 193 -11.70 25.56 -35.62
C LEU A 193 -12.37 25.84 -34.28
N GLN A 194 -13.34 26.74 -34.28
CA GLN A 194 -14.05 27.05 -33.04
C GLN A 194 -14.76 25.82 -32.51
N GLN A 195 -15.46 25.09 -33.39
CA GLN A 195 -16.15 23.89 -32.95
C GLN A 195 -15.19 22.81 -32.48
N GLN A 196 -14.00 22.74 -33.09
CA GLN A 196 -13.01 21.77 -32.67
C GLN A 196 -12.58 21.99 -31.23
N HIS A 197 -12.19 23.23 -30.89
CA HIS A 197 -11.71 23.43 -29.53
C HIS A 197 -12.85 23.32 -28.53
N GLN A 198 -14.07 23.68 -28.92
CA GLN A 198 -15.18 23.55 -27.97
C GLN A 198 -15.50 22.09 -27.71
N ARG A 199 -15.49 21.25 -28.74
CA ARG A 199 -15.76 19.83 -28.53
C ARG A 199 -14.65 19.18 -27.72
N LEU A 200 -13.39 19.49 -28.02
CA LEU A 200 -12.31 18.98 -27.20
C LEU A 200 -12.56 19.30 -25.73
N ALA A 201 -12.89 20.56 -25.43
CA ALA A 201 -13.14 20.92 -24.05
C ALA A 201 -14.31 20.12 -23.46
N GLN A 202 -15.39 19.98 -24.22
CA GLN A 202 -16.56 19.28 -23.69
C GLN A 202 -16.21 17.85 -23.30
N LEU A 203 -15.41 17.18 -24.13
CA LEU A 203 -15.01 15.80 -23.88
C LEU A 203 -14.08 15.69 -22.68
N LEU A 204 -13.08 16.59 -22.60
CA LEU A 204 -12.16 16.57 -21.46
C LEU A 204 -12.88 16.91 -20.17
N LEU A 205 -13.87 17.80 -20.21
CA LEU A 205 -14.60 18.14 -19.00
C LEU A 205 -15.42 16.95 -18.49
N ILE A 206 -15.93 16.08 -19.38
CA ILE A 206 -16.66 14.91 -18.90
C ILE A 206 -15.73 14.00 -18.10
N LEU A 207 -14.43 14.08 -18.35
CA LEU A 207 -13.50 13.23 -17.63
C LEU A 207 -13.43 13.57 -16.15
N SER A 208 -13.69 14.81 -15.79
CA SER A 208 -13.72 15.10 -14.37
C SER A 208 -14.92 14.44 -13.70
N HIS A 209 -16.05 14.33 -14.43
CA HIS A 209 -17.23 13.62 -13.92
C HIS A 209 -16.93 12.12 -13.76
N ILE A 210 -16.21 11.53 -14.70
CA ILE A 210 -15.85 10.10 -14.59
C ILE A 210 -14.95 9.88 -13.37
N ARG A 211 -14.00 10.79 -13.14
CA ARG A 211 -13.21 10.71 -11.91
C ARG A 211 -14.11 10.73 -10.68
N HIS A 212 -15.09 11.63 -10.67
CA HIS A 212 -16.01 11.74 -9.54
C HIS A 212 -16.75 10.42 -9.31
N MET A 213 -17.28 9.81 -10.38
CA MET A 213 -17.97 8.53 -10.24
C MET A 213 -17.06 7.43 -9.70
N SER A 214 -15.80 7.39 -10.16
CA SER A 214 -14.88 6.35 -9.70
C SER A 214 -14.57 6.54 -8.21
N ASN A 215 -14.35 7.79 -7.80
CA ASN A 215 -14.13 8.10 -6.38
C ASN A 215 -15.31 7.65 -5.52
N LYS A 216 -16.54 8.00 -5.94
CA LYS A 216 -17.71 7.59 -5.15
C LYS A 216 -17.88 6.08 -5.14
N GLY A 217 -17.68 5.45 -6.29
CA GLY A 217 -17.69 4.00 -6.33
C GLY A 217 -16.78 3.37 -5.28
N MET A 218 -15.59 3.93 -5.10
CA MET A 218 -14.68 3.41 -4.09
C MET A 218 -15.18 3.67 -2.67
N GLU A 219 -15.75 4.86 -2.43
CA GLU A 219 -16.13 5.23 -1.07
C GLU A 219 -17.27 4.36 -0.53
N HIS A 220 -18.37 4.28 -1.29
CA HIS A 220 -19.39 3.24 -1.14
C HIS A 220 -18.83 1.84 -0.92
N LEU A 221 -17.87 1.43 -1.75
CA LEU A 221 -17.25 0.12 -1.54
C LEU A 221 -16.71 0.01 -0.12
N TYR A 222 -15.84 0.94 0.28
CA TYR A 222 -15.21 0.87 1.61
C TYR A 222 -16.23 0.95 2.74
N SER A 223 -17.41 1.50 2.50
CA SER A 223 -18.44 1.57 3.54
C SER A 223 -19.00 0.17 3.81
N ASN A 228 -10.72 -5.27 -0.52
CA ASN A 228 -10.05 -6.52 -0.88
C ASN A 228 -10.47 -6.93 -2.28
N VAL A 229 -11.61 -6.43 -2.74
CA VAL A 229 -12.02 -6.63 -4.12
C VAL A 229 -11.25 -5.72 -5.07
N VAL A 230 -10.66 -4.65 -4.56
CA VAL A 230 -9.78 -3.82 -5.40
C VAL A 230 -8.55 -4.63 -5.81
N PRO A 231 -8.06 -4.50 -7.04
CA PRO A 231 -6.81 -5.18 -7.40
C PRO A 231 -5.62 -4.53 -6.73
N SER A 232 -4.74 -5.36 -6.18
CA SER A 232 -3.59 -4.86 -5.45
C SER A 232 -2.48 -4.41 -6.40
N TYR A 233 -1.59 -3.57 -5.87
CA TYR A 233 -0.37 -3.24 -6.59
C TYR A 233 0.36 -4.49 -7.03
N ASP A 234 0.58 -5.42 -6.10
CA ASP A 234 1.27 -6.66 -6.44
C ASP A 234 0.54 -7.41 -7.53
N LEU A 235 -0.80 -7.44 -7.47
CA LEU A 235 -1.55 -8.16 -8.50
C LEU A 235 -1.39 -7.48 -9.86
N LEU A 236 -1.57 -6.17 -9.91
CA LEU A 236 -1.40 -5.47 -11.18
C LEU A 236 0.00 -5.70 -11.73
N LEU A 237 1.02 -5.64 -10.85
CA LEU A 237 2.39 -5.85 -11.30
C LEU A 237 2.57 -7.25 -11.88
N GLU A 238 2.07 -8.27 -11.19
CA GLU A 238 2.18 -9.63 -11.71
C GLU A 238 1.58 -9.76 -13.10
N MET A 239 0.39 -9.16 -13.32
CA MET A 239 -0.24 -9.26 -14.63
C MET A 239 0.54 -8.51 -15.70
N LEU A 240 1.19 -7.39 -15.33
CA LEU A 240 1.95 -6.62 -16.31
C LEU A 240 3.21 -7.35 -16.74
N ASP A 241 3.84 -8.11 -15.84
CA ASP A 241 5.06 -8.81 -16.21
C ASP A 241 4.76 -10.02 -17.09
N ALA A 242 3.63 -10.68 -16.88
CA ALA A 242 3.30 -11.88 -17.64
C ALA A 242 2.71 -11.49 -18.98
N SER B 1 -28.81 35.83 -23.06
CA SER B 1 -28.00 36.14 -21.89
C SER B 1 -26.80 37.00 -22.26
N LEU B 2 -26.53 38.04 -21.44
CA LEU B 2 -25.43 38.94 -21.73
C LEU B 2 -24.12 38.19 -21.84
N ALA B 3 -23.95 37.16 -21.00
CA ALA B 3 -22.70 36.41 -20.96
C ALA B 3 -22.32 35.89 -22.33
N LEU B 4 -23.30 35.44 -23.11
CA LEU B 4 -23.01 34.83 -24.40
C LEU B 4 -22.65 35.84 -25.48
N SER B 5 -22.90 37.12 -25.26
CA SER B 5 -22.51 38.16 -26.19
C SER B 5 -21.13 38.72 -25.90
N LEU B 6 -20.47 38.27 -24.85
CA LEU B 6 -19.21 38.87 -24.43
C LEU B 6 -18.07 38.44 -25.33
N THR B 7 -17.14 39.36 -25.59
CA THR B 7 -15.90 38.95 -26.22
C THR B 7 -14.99 38.31 -25.18
N ALA B 8 -13.88 37.77 -25.67
CA ALA B 8 -12.91 37.12 -24.79
C ALA B 8 -12.34 38.10 -23.77
N ASP B 9 -11.96 39.30 -24.21
CA ASP B 9 -11.37 40.26 -23.27
C ASP B 9 -12.42 40.76 -22.27
N GLN B 10 -13.67 40.93 -22.70
CA GLN B 10 -14.70 41.33 -21.75
C GLN B 10 -14.98 40.24 -20.72
N MET B 11 -14.96 38.97 -21.14
CA MET B 11 -15.13 37.88 -20.19
C MET B 11 -13.99 37.86 -19.19
N VAL B 12 -12.75 37.99 -19.65
CA VAL B 12 -11.63 38.05 -18.73
C VAL B 12 -11.75 39.25 -17.81
N SER B 13 -12.12 40.42 -18.35
CA SER B 13 -12.24 41.61 -17.52
C SER B 13 -13.30 41.42 -16.43
N ALA B 14 -14.44 40.82 -16.78
CA ALA B 14 -15.46 40.54 -15.78
C ALA B 14 -14.92 39.63 -14.69
N LEU B 15 -14.21 38.59 -15.06
CA LEU B 15 -13.76 37.63 -14.06
C LEU B 15 -12.66 38.22 -13.19
N LEU B 16 -11.72 38.94 -13.79
CA LEU B 16 -10.70 39.59 -12.98
C LEU B 16 -11.34 40.53 -11.95
N ASP B 17 -12.38 41.26 -12.36
CA ASP B 17 -13.05 42.18 -11.45
C ASP B 17 -13.83 41.47 -10.35
N ALA B 18 -14.23 40.23 -10.54
CA ALA B 18 -14.98 39.49 -9.53
C ALA B 18 -14.08 38.79 -8.53
N GLU B 19 -12.77 38.81 -8.72
CA GLU B 19 -11.89 37.99 -7.91
C GLU B 19 -12.04 38.37 -6.43
N PRO B 20 -12.26 37.40 -5.54
CA PRO B 20 -12.30 37.74 -4.12
C PRO B 20 -10.93 38.18 -3.65
N PRO B 21 -10.85 38.86 -2.52
CA PRO B 21 -9.54 39.24 -1.98
C PRO B 21 -8.89 38.03 -1.31
N ILE B 22 -7.58 38.15 -1.08
CA ILE B 22 -6.85 37.14 -0.34
C ILE B 22 -6.99 37.44 1.15
N LEU B 23 -7.67 36.55 1.87
CA LEU B 23 -7.95 36.74 3.28
C LEU B 23 -6.79 36.25 4.13
N TYR B 24 -6.74 36.73 5.37
CA TYR B 24 -5.71 36.36 6.33
C TYR B 24 -6.28 35.39 7.36
N SER B 25 -5.39 34.57 7.92
CA SER B 25 -5.72 33.77 9.09
C SER B 25 -5.86 34.67 10.31
N GLU B 26 -6.90 34.42 11.11
CA GLU B 26 -7.12 35.21 12.32
C GLU B 26 -6.05 34.96 13.37
N TYR B 27 -5.46 33.77 13.39
CA TYR B 27 -4.40 33.44 14.33
C TYR B 27 -3.27 32.69 13.63
N ALA B 36 -1.78 26.52 17.10
CA ALA B 36 -3.20 26.35 17.41
C ALA B 36 -3.76 25.14 16.68
N SER B 37 -5.03 24.85 16.91
CA SER B 37 -5.70 23.80 16.15
C SER B 37 -5.59 24.13 14.66
N MET B 38 -4.97 23.21 13.91
CA MET B 38 -4.92 23.37 12.47
C MET B 38 -6.32 23.52 11.90
N MET B 39 -7.18 22.53 12.17
CA MET B 39 -8.55 22.60 11.69
C MET B 39 -9.20 23.91 12.08
N GLY B 40 -9.01 24.32 13.33
CA GLY B 40 -9.52 25.59 13.78
C GLY B 40 -9.26 26.74 12.82
N LEU B 41 -7.97 27.02 12.57
CA LEU B 41 -7.62 28.16 11.71
C LEU B 41 -8.10 27.95 10.28
N LEU B 42 -7.87 26.76 9.72
CA LEU B 42 -8.33 26.51 8.37
C LEU B 42 -9.85 26.63 8.28
N THR B 43 -10.56 26.16 9.31
CA THR B 43 -12.02 26.27 9.27
C THR B 43 -12.46 27.71 9.33
N ASN B 44 -11.88 28.50 10.25
CA ASN B 44 -12.20 29.92 10.31
C ASN B 44 -11.91 30.63 8.99
N LEU B 45 -10.81 30.26 8.34
CA LEU B 45 -10.45 30.87 7.06
C LEU B 45 -11.44 30.51 5.97
N ALA B 46 -11.69 29.21 5.79
CA ALA B 46 -12.59 28.75 4.75
C ALA B 46 -13.98 29.33 4.90
N ASP B 47 -14.46 29.45 6.14
CA ASP B 47 -15.78 30.03 6.40
C ASP B 47 -15.86 31.48 5.92
N ARG B 48 -14.78 32.24 6.08
CA ARG B 48 -14.80 33.62 5.60
C ARG B 48 -14.65 33.66 4.08
N GLU B 49 -13.92 32.71 3.53
CA GLU B 49 -13.74 32.63 2.08
C GLU B 49 -15.04 32.29 1.35
N LEU B 50 -15.88 31.45 1.97
CA LEU B 50 -17.12 31.05 1.33
C LEU B 50 -18.03 32.24 1.09
N VAL B 51 -18.07 33.18 2.03
CA VAL B 51 -18.92 34.37 1.85
C VAL B 51 -18.48 35.14 0.63
N HIS B 52 -17.17 35.35 0.48
CA HIS B 52 -16.65 35.98 -0.73
C HIS B 52 -16.88 35.12 -1.96
N MET B 53 -16.87 33.79 -1.82
CA MET B 53 -17.09 32.92 -2.98
C MET B 53 -18.51 33.08 -3.52
N ILE B 54 -19.52 33.18 -2.64
CA ILE B 54 -20.88 33.38 -3.12
C ILE B 54 -20.98 34.67 -3.93
N ASN B 55 -20.33 35.73 -3.46
CA ASN B 55 -20.38 36.98 -4.20
C ASN B 55 -19.60 36.90 -5.49
N TRP B 56 -18.48 36.18 -5.47
CA TRP B 56 -17.76 35.94 -6.70
C TRP B 56 -18.64 35.19 -7.69
N ALA B 57 -19.28 34.10 -7.24
CA ALA B 57 -20.06 33.29 -8.17
C ALA B 57 -21.19 34.10 -8.79
N LYS B 58 -21.85 34.95 -8.00
CA LYS B 58 -22.92 35.77 -8.54
C LYS B 58 -22.42 36.65 -9.68
N ARG B 59 -21.11 36.88 -9.74
CA ARG B 59 -20.53 37.78 -10.73
C ARG B 59 -19.92 37.04 -11.92
N VAL B 60 -19.92 35.72 -11.92
CA VAL B 60 -19.44 34.95 -13.08
C VAL B 60 -20.49 35.09 -14.18
N PRO B 61 -20.13 35.57 -15.37
CA PRO B 61 -21.16 35.77 -16.39
C PRO B 61 -21.91 34.48 -16.65
N GLY B 62 -23.23 34.58 -16.69
CA GLY B 62 -24.10 33.46 -16.93
C GLY B 62 -24.67 32.81 -15.69
N PHE B 63 -24.00 32.95 -14.54
CA PHE B 63 -24.37 32.18 -13.35
C PHE B 63 -25.72 32.61 -12.81
N VAL B 64 -25.96 33.92 -12.71
CA VAL B 64 -27.24 34.36 -12.17
C VAL B 64 -28.38 34.29 -13.19
N ASP B 65 -28.11 33.86 -14.42
CA ASP B 65 -29.22 33.54 -15.30
C ASP B 65 -29.91 32.25 -14.85
N LEU B 66 -29.25 31.46 -14.01
CA LEU B 66 -29.79 30.20 -13.56
C LEU B 66 -30.72 30.40 -12.37
N THR B 67 -31.59 29.42 -12.15
CA THR B 67 -32.46 29.44 -10.98
C THR B 67 -31.62 29.33 -9.70
N SER B 68 -32.18 29.80 -8.59
CA SER B 68 -31.48 29.68 -7.31
C SER B 68 -31.18 28.23 -6.97
N HIS B 69 -32.13 27.32 -7.20
CA HIS B 69 -31.87 25.91 -6.93
C HIS B 69 -30.65 25.44 -7.68
N ASP B 70 -30.51 25.82 -8.96
CA ASP B 70 -29.36 25.36 -9.72
C ASP B 70 -28.07 26.07 -9.29
N GLN B 71 -28.16 27.33 -8.87
CA GLN B 71 -26.96 28.01 -8.40
C GLN B 71 -26.41 27.31 -7.15
N VAL B 72 -27.30 26.85 -6.27
CA VAL B 72 -26.86 26.17 -5.05
C VAL B 72 -26.28 24.81 -5.37
N HIS B 73 -26.91 24.08 -6.28
CA HIS B 73 -26.38 22.76 -6.62
C HIS B 73 -24.96 22.92 -7.16
N LEU B 74 -24.73 23.90 -8.02
CA LEU B 74 -23.38 24.06 -8.58
C LEU B 74 -22.38 24.40 -7.49
N LEU B 75 -22.76 25.28 -6.53
CA LEU B 75 -21.83 25.67 -5.48
C LEU B 75 -21.58 24.53 -4.51
N GLU B 76 -22.62 23.75 -4.19
CA GLU B 76 -22.46 22.61 -3.31
C GLU B 76 -21.46 21.62 -3.88
N CYS B 77 -21.48 21.40 -5.18
CA CYS B 77 -20.54 20.48 -5.79
C CYS B 77 -19.14 21.07 -5.99
N ALA B 78 -19.00 22.39 -6.06
CA ALA B 78 -17.74 22.97 -6.48
C ALA B 78 -16.96 23.67 -5.37
N TRP B 79 -17.56 23.92 -4.21
CA TRP B 79 -16.94 24.89 -3.30
C TRP B 79 -15.56 24.45 -2.83
N LEU B 80 -15.36 23.16 -2.55
CA LEU B 80 -14.04 22.77 -2.05
C LEU B 80 -13.01 22.75 -3.18
N GLU B 81 -13.40 22.34 -4.39
CA GLU B 81 -12.49 22.49 -5.52
C GLU B 81 -12.11 23.96 -5.75
N ILE B 82 -13.05 24.89 -5.56
CA ILE B 82 -12.77 26.31 -5.77
C ILE B 82 -11.81 26.82 -4.70
N LEU B 83 -12.01 26.41 -3.44
CA LEU B 83 -11.06 26.78 -2.39
C LEU B 83 -9.68 26.21 -2.68
N MET B 84 -9.62 24.96 -3.14
CA MET B 84 -8.33 24.33 -3.38
C MET B 84 -7.61 24.95 -4.56
N ILE B 85 -8.33 25.30 -5.63
CA ILE B 85 -7.62 25.88 -6.76
C ILE B 85 -7.14 27.29 -6.41
N GLY B 86 -7.86 28.03 -5.58
CA GLY B 86 -7.33 29.29 -5.10
C GLY B 86 -6.04 29.08 -4.32
N LEU B 87 -6.02 28.05 -3.47
CA LEU B 87 -4.85 27.75 -2.65
C LEU B 87 -3.65 27.46 -3.52
N VAL B 88 -3.85 26.64 -4.55
CA VAL B 88 -2.77 26.26 -5.45
C VAL B 88 -2.24 27.47 -6.20
N TRP B 89 -3.14 28.35 -6.66
CA TRP B 89 -2.74 29.58 -7.33
C TRP B 89 -1.86 30.44 -6.42
N ARG B 90 -2.32 30.64 -5.18
CA ARG B 90 -1.58 31.44 -4.20
C ARG B 90 -0.20 30.87 -3.95
N SER B 91 -0.03 29.57 -4.10
CA SER B 91 1.15 28.86 -3.66
C SER B 91 2.19 28.66 -4.75
N MET B 92 1.87 29.04 -5.99
CA MET B 92 2.82 28.83 -7.08
C MET B 92 4.20 29.39 -6.76
N GLU B 93 4.24 30.59 -6.20
CA GLU B 93 5.51 31.26 -5.95
C GLU B 93 6.21 30.76 -4.69
N HIS B 94 5.78 29.64 -4.12
CA HIS B 94 6.36 29.12 -2.88
C HIS B 94 6.55 27.61 -3.02
N PRO B 95 7.49 27.18 -3.86
CA PRO B 95 7.69 25.75 -4.08
C PRO B 95 7.88 25.04 -2.75
N GLY B 96 7.25 23.87 -2.62
CA GLY B 96 7.30 23.08 -1.40
C GLY B 96 6.39 23.55 -0.28
N LYS B 97 5.59 24.59 -0.49
CA LYS B 97 4.79 25.17 0.58
C LYS B 97 3.38 25.47 0.07
N LEU B 98 2.44 25.49 1.02
CA LEU B 98 1.05 25.86 0.73
C LEU B 98 0.74 27.15 1.47
N LEU B 99 0.42 28.20 0.71
CA LEU B 99 0.09 29.51 1.26
C LEU B 99 -1.40 29.60 1.51
N PHE B 100 -1.83 29.03 2.64
CA PHE B 100 -3.24 29.11 3.00
C PHE B 100 -3.68 30.55 3.17
N ALA B 101 -2.80 31.39 3.72
CA ALA B 101 -2.98 32.83 3.80
C ALA B 101 -1.60 33.45 3.91
N PRO B 102 -1.49 34.77 3.71
CA PRO B 102 -0.16 35.39 3.78
C PRO B 102 0.53 35.19 5.12
N ASN B 103 -0.22 34.89 6.18
CA ASN B 103 0.33 34.62 7.50
C ASN B 103 0.12 33.16 7.89
N LEU B 104 0.02 32.28 6.90
CA LEU B 104 -0.19 30.85 7.19
C LEU B 104 0.40 30.10 6.00
N LEU B 105 1.72 30.03 5.97
CA LEU B 105 2.46 29.36 4.92
C LEU B 105 2.95 28.06 5.52
N LEU B 106 2.37 26.95 5.08
CA LEU B 106 2.63 25.65 5.69
C LEU B 106 3.44 24.79 4.73
N ASP B 107 4.45 24.12 5.27
CA ASP B 107 5.21 23.17 4.49
C ASP B 107 4.66 21.76 4.72
N ARG B 108 5.21 20.82 4.04
CA ARG B 108 4.73 19.49 4.12
C ARG B 108 4.74 18.82 5.48
N ASN B 109 5.63 19.23 6.35
CA ASN B 109 5.84 18.52 7.59
C ASN B 109 4.69 18.88 8.52
N GLN B 110 4.05 20.03 8.28
CA GLN B 110 2.92 20.50 9.09
C GLN B 110 1.59 19.90 8.64
N GLY B 111 1.62 19.05 7.61
CA GLY B 111 0.43 18.30 7.25
C GLY B 111 0.26 17.04 8.08
N LYS B 112 1.37 16.48 8.58
CA LYS B 112 1.32 15.29 9.42
C LYS B 112 0.68 15.65 10.75
N CYS B 113 -0.64 15.77 10.73
CA CYS B 113 -1.40 16.21 11.89
C CYS B 113 -2.66 15.38 12.07
N GLY B 116 -4.54 12.34 8.38
CA GLY B 116 -4.35 11.97 6.99
C GLY B 116 -4.25 13.18 6.06
N MET B 117 -3.77 14.29 6.60
CA MET B 117 -3.70 15.53 5.84
C MET B 117 -2.53 15.57 4.88
N VAL B 118 -1.46 14.80 5.12
CA VAL B 118 -0.29 14.90 4.27
C VAL B 118 -0.59 14.40 2.87
N GLU B 119 -1.55 13.49 2.75
CA GLU B 119 -1.73 12.80 1.50
C GLU B 119 -2.26 13.94 0.55
N ILE B 120 -3.20 14.78 1.09
CA ILE B 120 -3.82 15.87 0.30
C ILE B 120 -2.85 17.03 0.09
N PHE B 121 -2.03 17.34 1.10
CA PHE B 121 -0.99 18.35 0.93
C PHE B 121 -0.15 18.05 -0.29
N ASP B 122 0.25 16.81 -0.40
CA ASP B 122 1.09 16.41 -1.48
C ASP B 122 0.43 16.62 -2.83
N MET B 123 -0.80 16.20 -2.97
CA MET B 123 -1.55 16.42 -4.19
C MET B 123 -1.66 17.90 -4.49
N LEU B 124 -1.85 18.71 -3.45
CA LEU B 124 -1.97 20.14 -3.69
C LEU B 124 -0.63 20.71 -4.16
N LEU B 125 0.46 20.30 -3.51
CA LEU B 125 1.80 20.74 -3.93
C LEU B 125 2.07 20.33 -5.37
N ALA B 126 1.69 19.10 -5.75
CA ALA B 126 1.90 18.66 -7.12
C ALA B 126 1.11 19.51 -8.09
N THR B 127 -0.07 19.97 -7.68
CA THR B 127 -0.84 20.82 -8.58
C THR B 127 -0.17 22.17 -8.74
N SER B 128 0.31 22.73 -7.64
CA SER B 128 1.05 23.99 -7.69
C SER B 128 2.27 23.86 -8.59
N SER B 129 2.99 22.73 -8.50
CA SER B 129 4.18 22.53 -9.31
C SER B 129 3.81 22.53 -10.79
N ARG B 130 2.77 21.78 -11.12
CA ARG B 130 2.26 21.72 -12.48
C ARG B 130 1.92 23.10 -13.01
N PHE B 131 1.18 23.90 -12.24
CA PHE B 131 0.87 25.27 -12.68
C PHE B 131 2.14 26.06 -12.94
N ARG B 132 3.13 25.96 -12.05
CA ARG B 132 4.40 26.67 -12.23
C ARG B 132 5.07 26.24 -13.52
N MET B 133 5.26 24.92 -13.69
CA MET B 133 5.76 24.35 -14.94
C MET B 133 5.14 24.98 -16.18
N MET B 134 3.82 25.10 -16.17
CA MET B 134 3.07 25.59 -17.31
C MET B 134 3.07 27.10 -17.44
N ASN B 135 3.59 27.82 -16.45
CA ASN B 135 3.55 29.29 -16.46
C ASN B 135 2.09 29.76 -16.51
N LEU B 136 1.23 29.12 -15.70
CA LEU B 136 -0.19 29.48 -15.68
C LEU B 136 -0.35 30.96 -15.38
N GLN B 137 -1.12 31.66 -16.22
CA GLN B 137 -1.36 33.08 -16.08
C GLN B 137 -2.66 33.35 -15.30
N GLY B 138 -2.73 34.54 -14.71
CA GLY B 138 -3.90 34.90 -13.92
C GLY B 138 -5.17 34.92 -14.73
N GLU B 139 -5.11 35.42 -15.96
CA GLU B 139 -6.28 35.39 -16.84
C GLU B 139 -6.76 33.96 -17.06
N GLU B 140 -5.83 33.00 -17.11
CA GLU B 140 -6.20 31.60 -17.35
C GLU B 140 -6.78 31.00 -16.08
N PHE B 141 -6.23 31.38 -14.93
CA PHE B 141 -6.71 30.89 -13.64
C PHE B 141 -8.18 31.24 -13.41
N VAL B 142 -8.54 32.50 -13.55
CA VAL B 142 -9.94 32.89 -13.36
C VAL B 142 -10.86 32.14 -14.34
N CYS B 143 -10.38 31.88 -15.55
CA CYS B 143 -11.18 31.07 -16.48
C CYS B 143 -11.40 29.68 -15.89
N LEU B 144 -10.35 29.10 -15.31
CA LEU B 144 -10.41 27.73 -14.82
C LEU B 144 -11.30 27.63 -13.60
N LYS B 145 -11.24 28.63 -12.72
CA LYS B 145 -12.07 28.66 -11.54
C LYS B 145 -13.55 28.71 -11.90
N SER B 146 -13.89 29.48 -12.93
CA SER B 146 -15.28 29.55 -13.36
C SER B 146 -15.71 28.31 -14.10
N ILE B 147 -14.78 27.58 -14.73
CA ILE B 147 -15.16 26.30 -15.32
C ILE B 147 -15.52 25.32 -14.22
N ILE B 148 -14.79 25.33 -13.11
CA ILE B 148 -15.06 24.42 -12.02
C ILE B 148 -16.47 24.66 -11.50
N LEU B 149 -16.81 25.95 -11.31
CA LEU B 149 -18.12 26.32 -10.77
C LEU B 149 -19.24 25.79 -11.64
N LEU B 150 -19.13 25.96 -12.96
CA LEU B 150 -20.22 25.60 -13.86
C LEU B 150 -20.22 24.13 -14.25
N ASN B 151 -19.06 23.48 -14.27
CA ASN B 151 -18.97 22.09 -14.73
C ASN B 151 -19.19 21.05 -13.65
N SER B 152 -18.73 21.31 -12.43
CA SER B 152 -18.63 20.21 -11.46
C SER B 152 -19.99 19.61 -11.17
N GLY B 153 -21.03 20.45 -11.09
CA GLY B 153 -22.35 19.97 -10.74
C GLY B 153 -23.29 19.77 -11.90
N VAL B 154 -22.90 20.13 -13.12
CA VAL B 154 -23.85 20.15 -14.23
C VAL B 154 -24.36 18.75 -14.55
N TYR B 155 -23.54 17.70 -14.41
CA TYR B 155 -23.94 16.35 -14.76
C TYR B 155 -24.79 15.68 -13.68
N THR B 156 -25.10 16.38 -12.58
CA THR B 156 -25.87 15.78 -11.50
C THR B 156 -27.12 16.58 -11.15
N PHE B 157 -27.59 17.47 -12.04
CA PHE B 157 -28.93 18.02 -11.90
C PHE B 157 -29.93 16.88 -11.91
N LEU B 158 -30.82 16.84 -10.92
CA LEU B 158 -31.65 15.65 -10.69
C LEU B 158 -33.02 15.75 -11.35
N SER B 159 -33.27 16.77 -12.14
CA SER B 159 -34.59 17.00 -12.72
C SER B 159 -34.58 16.72 -14.22
N SER B 160 -35.78 16.44 -14.74
CA SER B 160 -36.00 16.16 -16.16
C SER B 160 -36.98 17.14 -16.79
N THR B 161 -37.22 18.28 -16.16
CA THR B 161 -38.15 19.27 -16.68
C THR B 161 -37.55 20.05 -17.84
N LEU B 162 -38.41 20.69 -18.63
CA LEU B 162 -37.94 21.61 -19.66
C LEU B 162 -36.94 22.61 -19.08
N LYS B 163 -37.26 23.18 -17.90
CA LYS B 163 -36.38 24.18 -17.33
C LYS B 163 -35.00 23.61 -17.02
N SER B 164 -34.95 22.38 -16.51
CA SER B 164 -33.66 21.77 -16.22
C SER B 164 -32.84 21.58 -17.48
N LEU B 165 -33.49 21.15 -18.56
CA LEU B 165 -32.79 21.02 -19.83
C LEU B 165 -32.28 22.36 -20.34
N GLU B 166 -33.11 23.40 -20.23
CA GLU B 166 -32.67 24.75 -20.60
C GLU B 166 -31.53 25.22 -19.72
N GLU B 167 -31.57 24.90 -18.43
CA GLU B 167 -30.49 25.32 -17.54
C GLU B 167 -29.17 24.64 -17.92
N LYS B 168 -29.19 23.31 -18.07
CA LYS B 168 -27.98 22.62 -18.48
C LYS B 168 -27.49 23.10 -19.85
N ASP B 169 -28.40 23.41 -20.77
CA ASP B 169 -27.94 23.88 -22.07
C ASP B 169 -27.28 25.25 -21.95
N HIS B 170 -27.83 26.13 -21.12
CA HIS B 170 -27.19 27.42 -20.88
C HIS B 170 -25.78 27.25 -20.32
N ILE B 171 -25.62 26.35 -19.34
CA ILE B 171 -24.31 26.15 -18.74
C ILE B 171 -23.30 25.73 -19.79
N HIS B 172 -23.70 24.82 -20.68
CA HIS B 172 -22.76 24.35 -21.69
C HIS B 172 -22.41 25.44 -22.68
N ARG B 173 -23.35 26.34 -23.01
CA ARG B 173 -22.97 27.45 -23.88
C ARG B 173 -22.05 28.45 -23.16
N VAL B 174 -22.18 28.59 -21.84
CA VAL B 174 -21.25 29.48 -21.15
C VAL B 174 -19.88 28.84 -21.08
N LEU B 175 -19.84 27.51 -20.92
CA LEU B 175 -18.56 26.79 -20.90
C LEU B 175 -17.85 26.91 -22.24
N ASP B 176 -18.60 26.84 -23.35
CA ASP B 176 -18.04 27.10 -24.66
C ASP B 176 -17.48 28.52 -24.76
N LYS B 177 -18.21 29.51 -24.25
CA LYS B 177 -17.67 30.86 -24.23
C LYS B 177 -16.35 30.92 -23.48
N ILE B 178 -16.24 30.20 -22.36
CA ILE B 178 -14.99 30.28 -21.61
C ILE B 178 -13.87 29.54 -22.35
N THR B 179 -14.21 28.46 -23.06
CA THR B 179 -13.22 27.81 -23.90
C THR B 179 -12.69 28.78 -24.94
N ASP B 180 -13.60 29.48 -25.64
CA ASP B 180 -13.20 30.45 -26.64
C ASP B 180 -12.28 31.51 -26.03
N THR B 181 -12.58 31.90 -24.79
CA THR B 181 -11.76 32.89 -24.10
C THR B 181 -10.38 32.35 -23.84
N LEU B 182 -10.29 31.12 -23.32
CA LEU B 182 -8.99 30.52 -23.08
C LEU B 182 -8.16 30.51 -24.36
N ILE B 183 -8.77 30.07 -25.47
CA ILE B 183 -8.07 30.02 -26.75
C ILE B 183 -7.64 31.42 -27.19
N HIS B 184 -8.50 32.43 -27.04
CA HIS B 184 -8.13 33.76 -27.48
C HIS B 184 -6.95 34.30 -26.68
N LEU B 185 -6.94 34.06 -25.38
CA LEU B 185 -5.81 34.49 -24.56
C LEU B 185 -4.50 33.86 -25.04
N MET B 186 -4.54 32.58 -25.39
CA MET B 186 -3.31 31.93 -25.85
C MET B 186 -2.89 32.43 -27.22
N ALA B 187 -3.84 32.57 -28.15
CA ALA B 187 -3.50 33.09 -29.47
C ALA B 187 -2.93 34.50 -29.38
N LYS B 188 -3.49 35.31 -28.49
CA LYS B 188 -2.97 36.67 -28.32
C LYS B 188 -1.62 36.66 -27.61
N ALA B 189 -1.31 35.62 -26.84
CA ALA B 189 0.03 35.52 -26.27
C ALA B 189 1.06 34.99 -27.26
N GLY B 190 0.64 34.55 -28.44
CA GLY B 190 1.57 34.10 -29.44
C GLY B 190 1.66 32.61 -29.63
N LEU B 191 0.75 31.83 -29.07
CA LEU B 191 0.79 30.38 -29.23
C LEU B 191 0.26 29.99 -30.60
N THR B 192 0.97 29.04 -31.25
CA THR B 192 0.50 28.48 -32.51
C THR B 192 -0.85 27.78 -32.32
N LEU B 193 -1.53 27.52 -33.44
CA LEU B 193 -2.84 26.86 -33.34
C LEU B 193 -2.71 25.54 -32.60
N GLN B 194 -1.65 24.79 -32.87
CA GLN B 194 -1.52 23.49 -32.20
C GLN B 194 -1.18 23.67 -30.73
N GLN B 195 -0.30 24.63 -30.40
CA GLN B 195 0.02 24.90 -29.00
C GLN B 195 -1.24 25.30 -28.24
N GLN B 196 -2.12 26.04 -28.89
CA GLN B 196 -3.38 26.43 -28.25
C GLN B 196 -4.20 25.21 -27.84
N HIS B 197 -4.38 24.25 -28.74
CA HIS B 197 -5.14 23.05 -28.40
C HIS B 197 -4.46 22.29 -27.28
N GLN B 198 -3.16 22.06 -27.42
CA GLN B 198 -2.44 21.27 -26.41
C GLN B 198 -2.57 21.92 -25.04
N ARG B 199 -2.45 23.25 -24.96
CA ARG B 199 -2.49 23.89 -23.64
C ARG B 199 -3.91 23.91 -23.08
N LEU B 200 -4.91 24.12 -23.92
CA LEU B 200 -6.28 23.98 -23.44
C LEU B 200 -6.50 22.63 -22.78
N ALA B 201 -6.05 21.56 -23.43
CA ALA B 201 -6.23 20.20 -22.91
C ALA B 201 -5.44 19.99 -21.61
N GLN B 202 -4.22 20.52 -21.56
CA GLN B 202 -3.42 20.39 -20.35
C GLN B 202 -4.13 21.02 -19.16
N LEU B 203 -4.70 22.22 -19.35
CA LEU B 203 -5.38 22.91 -18.26
C LEU B 203 -6.66 22.18 -17.86
N LEU B 204 -7.43 21.69 -18.82
CA LEU B 204 -8.67 20.98 -18.46
C LEU B 204 -8.39 19.63 -17.79
N LEU B 205 -7.31 18.97 -18.16
CA LEU B 205 -7.03 17.67 -17.55
C LEU B 205 -6.64 17.82 -16.09
N ILE B 206 -6.04 18.95 -15.73
CA ILE B 206 -5.72 19.21 -14.32
C ILE B 206 -6.99 19.32 -13.49
N LEU B 207 -8.10 19.75 -14.09
CA LEU B 207 -9.36 19.84 -13.34
C LEU B 207 -9.81 18.48 -12.83
N SER B 208 -9.49 17.41 -13.56
CA SER B 208 -9.80 16.07 -13.10
C SER B 208 -9.02 15.74 -11.83
N HIS B 209 -7.78 16.21 -11.72
CA HIS B 209 -7.02 15.99 -10.49
C HIS B 209 -7.57 16.83 -9.34
N ILE B 210 -8.03 18.06 -9.63
CA ILE B 210 -8.65 18.88 -8.58
C ILE B 210 -9.94 18.23 -8.09
N ARG B 211 -10.73 17.63 -8.99
CA ARG B 211 -11.91 16.90 -8.52
C ARG B 211 -11.49 15.79 -7.57
N HIS B 212 -10.44 15.05 -7.95
CA HIS B 212 -9.97 13.95 -7.14
C HIS B 212 -9.58 14.42 -5.74
N MET B 213 -8.78 15.47 -5.68
CA MET B 213 -8.35 16.04 -4.42
C MET B 213 -9.55 16.43 -3.55
N SER B 214 -10.54 17.10 -4.15
CA SER B 214 -11.73 17.48 -3.41
C SER B 214 -12.49 16.25 -2.89
N ASN B 215 -12.60 15.21 -3.71
CA ASN B 215 -13.25 14.00 -3.23
C ASN B 215 -12.47 13.36 -2.07
N LYS B 216 -11.14 13.28 -2.17
CA LYS B 216 -10.34 12.85 -1.01
C LYS B 216 -10.65 13.66 0.23
N GLY B 217 -10.59 14.99 0.11
CA GLY B 217 -10.76 15.84 1.27
C GLY B 217 -12.09 15.61 1.93
N MET B 218 -13.16 15.57 1.13
CA MET B 218 -14.47 15.19 1.63
C MET B 218 -14.42 13.82 2.28
N GLU B 219 -13.73 12.87 1.64
CA GLU B 219 -13.69 11.51 2.15
C GLU B 219 -13.08 11.48 3.54
N HIS B 220 -11.89 12.06 3.71
CA HIS B 220 -11.25 12.00 5.02
C HIS B 220 -12.07 12.74 6.06
N LEU B 221 -12.66 13.88 5.69
CA LEU B 221 -13.57 14.54 6.62
C LEU B 221 -14.60 13.57 7.19
N TYR B 222 -15.35 12.89 6.35
CA TYR B 222 -16.42 12.02 6.86
C TYR B 222 -15.82 10.77 7.51
N ASN B 228 -20.27 17.22 7.79
CA ASN B 228 -19.82 17.75 9.07
C ASN B 228 -19.80 19.29 9.02
N VAL B 229 -18.66 19.83 8.60
CA VAL B 229 -18.49 21.27 8.48
C VAL B 229 -18.81 21.70 7.06
N VAL B 230 -19.42 20.81 6.28
CA VAL B 230 -19.71 21.07 4.87
C VAL B 230 -20.90 22.01 4.77
N PRO B 231 -20.89 23.01 3.89
CA PRO B 231 -22.07 23.86 3.72
C PRO B 231 -23.22 23.05 3.12
N SER B 232 -24.35 23.05 3.79
CA SER B 232 -25.49 22.27 3.33
C SER B 232 -26.18 22.99 2.19
N TYR B 233 -27.06 22.26 1.50
CA TYR B 233 -27.89 22.88 0.48
C TYR B 233 -28.62 24.09 1.07
N ASP B 234 -29.20 23.93 2.25
CA ASP B 234 -29.98 25.00 2.85
C ASP B 234 -29.11 26.19 3.22
N LEU B 235 -27.90 25.94 3.72
CA LEU B 235 -27.00 27.05 4.03
C LEU B 235 -26.67 27.85 2.78
N LEU B 236 -26.33 27.17 1.69
CA LEU B 236 -25.93 27.86 0.48
C LEU B 236 -27.10 28.66 -0.11
N LEU B 237 -28.31 28.11 -0.01
CA LEU B 237 -29.48 28.77 -0.56
C LEU B 237 -29.74 30.09 0.13
N GLU B 238 -29.48 30.14 1.43
CA GLU B 238 -29.73 31.31 2.24
C GLU B 238 -28.65 32.36 2.01
N MET B 239 -27.40 31.92 1.87
CA MET B 239 -26.33 32.84 1.55
C MET B 239 -26.53 33.43 0.16
N LEU B 240 -27.06 32.64 -0.78
CA LEU B 240 -27.38 33.17 -2.10
C LEU B 240 -28.57 34.12 -2.05
N ASP B 241 -29.57 33.83 -1.21
CA ASP B 241 -30.72 34.70 -1.13
C ASP B 241 -30.38 36.05 -0.51
N ALA B 242 -29.30 36.12 0.27
CA ALA B 242 -28.84 37.37 0.87
C ALA B 242 -27.72 37.97 0.03
N LEU C 2 26.77 -15.21 -10.27
CA LEU C 2 28.02 -14.98 -9.56
C LEU C 2 27.92 -15.35 -8.08
N ALA C 3 26.83 -14.92 -7.43
CA ALA C 3 26.71 -15.08 -5.99
C ALA C 3 26.83 -16.55 -5.58
N LEU C 4 26.09 -17.43 -6.24
CA LEU C 4 26.11 -18.84 -5.87
C LEU C 4 27.43 -19.52 -6.17
N SER C 5 28.31 -18.90 -6.96
CA SER C 5 29.64 -19.45 -7.20
C SER C 5 30.68 -19.02 -6.17
N LEU C 6 30.31 -18.11 -5.26
CA LEU C 6 31.26 -17.64 -4.25
C LEU C 6 31.65 -18.76 -3.29
N THR C 7 32.94 -18.81 -2.96
CA THR C 7 33.38 -19.65 -1.85
C THR C 7 32.94 -19.00 -0.53
N ALA C 8 33.18 -19.72 0.57
CA ALA C 8 32.81 -19.18 1.88
C ALA C 8 33.68 -17.98 2.23
N ASP C 9 35.00 -18.11 2.07
CA ASP C 9 35.86 -16.97 2.37
C ASP C 9 35.50 -15.76 1.52
N GLN C 10 35.14 -15.99 0.26
CA GLN C 10 34.78 -14.87 -0.60
C GLN C 10 33.49 -14.21 -0.11
N MET C 11 32.51 -15.01 0.29
CA MET C 11 31.24 -14.49 0.80
C MET C 11 31.47 -13.62 2.03
N VAL C 12 32.29 -14.09 2.97
CA VAL C 12 32.57 -13.33 4.18
C VAL C 12 33.25 -12.01 3.84
N SER C 13 34.24 -12.06 2.94
CA SER C 13 34.93 -10.84 2.51
C SER C 13 33.94 -9.84 1.91
N ALA C 14 33.08 -10.30 1.02
CA ALA C 14 32.10 -9.42 0.38
C ALA C 14 31.17 -8.80 1.40
N LEU C 15 30.71 -9.59 2.37
CA LEU C 15 29.81 -9.07 3.39
C LEU C 15 30.52 -8.07 4.30
N LEU C 16 31.76 -8.37 4.70
CA LEU C 16 32.52 -7.44 5.52
C LEU C 16 32.71 -6.11 4.78
N ASP C 17 33.07 -6.18 3.49
CA ASP C 17 33.32 -4.97 2.72
C ASP C 17 32.07 -4.13 2.55
N ALA C 18 30.88 -4.74 2.59
CA ALA C 18 29.62 -4.04 2.37
C ALA C 18 29.11 -3.31 3.60
N GLU C 19 29.72 -3.54 4.76
CA GLU C 19 29.18 -3.04 6.01
C GLU C 19 28.95 -1.52 5.91
N PRO C 20 27.86 -1.00 6.45
CA PRO C 20 27.60 0.44 6.37
C PRO C 20 28.35 1.20 7.44
N PRO C 21 28.48 2.52 7.30
CA PRO C 21 29.19 3.31 8.32
C PRO C 21 28.37 3.50 9.59
N ILE C 22 29.06 3.85 10.67
CA ILE C 22 28.38 4.22 11.91
C ILE C 22 28.09 5.71 11.87
N LEU C 23 26.84 6.07 12.06
CA LEU C 23 26.39 7.45 11.97
C LEU C 23 26.21 8.05 13.37
N TYR C 24 26.23 9.36 13.42
CA TYR C 24 26.03 10.05 14.67
C TYR C 24 24.61 10.58 14.77
N SER C 25 24.12 10.66 15.99
CA SER C 25 22.85 11.33 16.25
C SER C 25 23.03 12.84 16.05
N GLU C 26 21.90 13.53 15.87
CA GLU C 26 21.92 14.99 15.83
C GLU C 26 22.76 15.51 16.99
N TYR C 27 23.67 16.42 16.68
CA TYR C 27 24.58 16.92 17.71
C TYR C 27 23.83 17.76 18.72
N ASP C 28 24.26 17.68 19.97
CA ASP C 28 23.75 18.47 21.09
C ASP C 28 22.26 18.69 21.05
N PRO C 29 21.44 17.65 21.15
CA PRO C 29 20.00 17.83 21.35
C PRO C 29 19.72 18.32 22.76
N THR C 30 18.55 18.93 22.93
CA THR C 30 18.15 19.33 24.26
C THR C 30 17.96 18.10 25.13
N ARG C 31 18.56 18.11 26.30
CA ARG C 31 18.28 17.08 27.28
C ARG C 31 17.94 17.76 28.60
N PRO C 32 17.06 17.14 29.41
CA PRO C 32 16.47 15.81 29.21
C PRO C 32 15.54 15.76 28.00
N PHE C 33 15.39 14.56 27.44
CA PHE C 33 14.50 14.36 26.31
C PHE C 33 13.04 14.39 26.74
N SER C 34 12.19 14.84 25.84
CA SER C 34 10.76 14.56 25.90
C SER C 34 10.44 13.39 24.98
N GLU C 35 9.21 12.89 25.11
CA GLU C 35 8.79 11.80 24.22
C GLU C 35 8.91 12.23 22.77
N ALA C 36 8.52 13.48 22.47
CA ALA C 36 8.57 13.93 21.09
C ALA C 36 10.00 14.12 20.61
N SER C 37 10.87 14.69 21.45
CA SER C 37 12.22 14.97 21.00
C SER C 37 13.05 13.70 20.89
N MET C 38 12.82 12.71 21.75
CA MET C 38 13.60 11.49 21.57
C MET C 38 13.14 10.75 20.33
N MET C 39 11.83 10.70 20.06
CA MET C 39 11.36 10.08 18.83
C MET C 39 11.88 10.83 17.63
N GLY C 40 11.97 12.15 17.73
CA GLY C 40 12.54 12.95 16.65
C GLY C 40 13.98 12.60 16.35
N LEU C 41 14.82 12.56 17.39
CA LEU C 41 16.22 12.15 17.24
C LEU C 41 16.34 10.75 16.65
N LEU C 42 15.59 9.79 17.18
CA LEU C 42 15.73 8.43 16.69
C LEU C 42 15.25 8.31 15.25
N THR C 43 14.14 9.00 14.92
CA THR C 43 13.63 8.97 13.56
C THR C 43 14.64 9.57 12.59
N ASN C 44 15.29 10.67 12.99
CA ASN C 44 16.25 11.31 12.12
C ASN C 44 17.47 10.43 11.91
N LEU C 45 17.89 9.70 12.94
CA LEU C 45 19.00 8.77 12.80
C LEU C 45 18.62 7.60 11.89
N ALA C 46 17.47 6.97 12.13
CA ALA C 46 17.01 5.85 11.31
C ALA C 46 16.85 6.25 9.85
N ASP C 47 16.28 7.44 9.60
CA ASP C 47 16.10 7.91 8.23
C ASP C 47 17.43 8.05 7.51
N ARG C 48 18.48 8.46 8.23
CA ARG C 48 19.80 8.57 7.61
C ARG C 48 20.46 7.20 7.49
N GLU C 49 20.21 6.30 8.42
CA GLU C 49 20.77 4.97 8.29
C GLU C 49 20.16 4.22 7.13
N LEU C 50 18.90 4.53 6.78
CA LEU C 50 18.21 3.74 5.76
C LEU C 50 18.88 3.87 4.39
N VAL C 51 19.40 5.06 4.08
CA VAL C 51 20.13 5.28 2.83
C VAL C 51 21.31 4.32 2.75
N HIS C 52 22.12 4.27 3.81
CA HIS C 52 23.27 3.37 3.76
C HIS C 52 22.87 1.90 3.82
N MET C 53 21.65 1.58 4.30
CA MET C 53 21.18 0.20 4.31
C MET C 53 20.91 -0.31 2.90
N ILE C 54 20.22 0.49 2.09
CA ILE C 54 20.14 0.24 0.65
C ILE C 54 21.48 0.03 -0.02
N ASN C 55 22.48 0.88 0.25
CA ASN C 55 23.78 0.63 -0.37
C ASN C 55 24.33 -0.72 0.06
N TRP C 56 24.17 -1.06 1.34
CA TRP C 56 24.62 -2.35 1.86
C TRP C 56 23.85 -3.49 1.22
N ALA C 57 22.53 -3.35 1.16
CA ALA C 57 21.71 -4.41 0.57
C ALA C 57 22.17 -4.73 -0.85
N LYS C 58 22.41 -3.70 -1.67
CA LYS C 58 22.78 -3.92 -3.06
C LYS C 58 24.08 -4.71 -3.19
N ARG C 59 24.89 -4.76 -2.14
CA ARG C 59 26.16 -5.48 -2.14
C ARG C 59 26.07 -6.85 -1.45
N VAL C 60 24.89 -7.24 -0.96
CA VAL C 60 24.73 -8.58 -0.40
C VAL C 60 24.65 -9.54 -1.59
N PRO C 61 25.61 -10.47 -1.74
CA PRO C 61 25.59 -11.33 -2.92
C PRO C 61 24.23 -11.99 -3.13
N GLY C 62 23.70 -11.87 -4.35
CA GLY C 62 22.42 -12.43 -4.71
C GLY C 62 21.28 -11.44 -4.68
N PHE C 63 21.40 -10.39 -3.89
CA PHE C 63 20.28 -9.46 -3.70
C PHE C 63 19.91 -8.78 -5.01
N VAL C 64 20.90 -8.29 -5.76
CA VAL C 64 20.59 -7.57 -7.00
C VAL C 64 20.19 -8.48 -8.14
N ASP C 65 20.28 -9.80 -7.97
CA ASP C 65 19.73 -10.68 -9.01
C ASP C 65 18.22 -10.62 -9.03
N LEU C 66 17.60 -10.21 -7.93
CA LEU C 66 16.16 -10.16 -7.82
C LEU C 66 15.63 -8.92 -8.53
N THR C 67 14.37 -9.00 -8.95
CA THR C 67 13.68 -7.85 -9.51
C THR C 67 13.65 -6.71 -8.49
N SER C 68 13.48 -5.49 -8.99
CA SER C 68 13.38 -4.33 -8.09
C SER C 68 12.21 -4.47 -7.13
N HIS C 69 11.07 -4.94 -7.63
CA HIS C 69 9.88 -5.15 -6.80
C HIS C 69 10.22 -6.04 -5.61
N ASP C 70 10.94 -7.13 -5.84
CA ASP C 70 11.17 -8.06 -4.75
C ASP C 70 12.29 -7.61 -3.84
N GLN C 71 13.24 -6.84 -4.37
CA GLN C 71 14.19 -6.14 -3.51
C GLN C 71 13.47 -5.21 -2.55
N VAL C 72 12.50 -4.43 -3.03
CA VAL C 72 11.79 -3.54 -2.12
C VAL C 72 11.01 -4.35 -1.09
N HIS C 73 10.35 -5.44 -1.52
CA HIS C 73 9.55 -6.20 -0.58
C HIS C 73 10.41 -6.75 0.54
N LEU C 74 11.61 -7.24 0.22
CA LEU C 74 12.49 -7.75 1.27
C LEU C 74 12.93 -6.63 2.20
N LEU C 75 13.27 -5.45 1.66
CA LEU C 75 13.66 -4.36 2.53
C LEU C 75 12.48 -3.85 3.35
N GLU C 76 11.29 -3.82 2.78
CA GLU C 76 10.13 -3.38 3.54
C GLU C 76 9.91 -4.30 4.74
N CYS C 77 10.07 -5.61 4.55
CA CYS C 77 9.89 -6.57 5.64
C CYS C 77 11.02 -6.54 6.66
N ALA C 78 12.24 -6.21 6.24
CA ALA C 78 13.40 -6.38 7.11
C ALA C 78 13.99 -5.12 7.70
N TRP C 79 13.59 -3.92 7.27
CA TRP C 79 14.41 -2.76 7.58
C TRP C 79 14.57 -2.55 9.09
N LEU C 80 13.52 -2.80 9.87
CA LEU C 80 13.61 -2.53 11.30
C LEU C 80 14.41 -3.60 12.04
N GLU C 81 14.21 -4.88 11.69
CA GLU C 81 15.11 -5.94 12.16
C GLU C 81 16.58 -5.65 11.86
N ILE C 82 16.88 -5.13 10.66
CA ILE C 82 18.28 -4.84 10.34
C ILE C 82 18.81 -3.71 11.21
N LEU C 83 18.02 -2.64 11.40
CA LEU C 83 18.49 -1.56 12.26
C LEU C 83 18.66 -2.07 13.69
N MET C 84 17.76 -2.94 14.14
CA MET C 84 17.75 -3.47 15.51
C MET C 84 18.95 -4.36 15.78
N ILE C 85 19.33 -5.22 14.82
CA ILE C 85 20.47 -6.09 15.03
C ILE C 85 21.79 -5.30 15.00
N GLY C 86 21.90 -4.33 14.08
CA GLY C 86 23.00 -3.38 14.15
C GLY C 86 23.06 -2.67 15.50
N LEU C 87 21.92 -2.28 16.05
CA LEU C 87 21.93 -1.64 17.36
C LEU C 87 22.44 -2.60 18.43
N VAL C 88 21.98 -3.85 18.38
CA VAL C 88 22.37 -4.83 19.37
C VAL C 88 23.86 -5.11 19.28
N TRP C 89 24.38 -5.22 18.05
CA TRP C 89 25.81 -5.43 17.86
C TRP C 89 26.64 -4.24 18.37
N ARG C 90 26.22 -3.02 18.03
CA ARG C 90 26.93 -1.84 18.53
C ARG C 90 26.98 -1.83 20.06
N SER C 91 25.99 -2.42 20.71
CA SER C 91 25.82 -2.27 22.15
C SER C 91 26.44 -3.38 22.97
N MET C 92 27.00 -4.42 22.33
CA MET C 92 27.48 -5.58 23.09
C MET C 92 28.46 -5.19 24.20
N GLU C 93 29.39 -4.29 23.90
CA GLU C 93 30.41 -3.92 24.87
C GLU C 93 29.94 -2.86 25.86
N HIS C 94 28.63 -2.63 25.96
CA HIS C 94 28.05 -1.61 26.85
C HIS C 94 26.89 -2.25 27.57
N PRO C 95 27.17 -3.12 28.53
CA PRO C 95 26.10 -3.82 29.23
C PRO C 95 25.16 -2.85 29.96
N GLY C 96 23.88 -3.14 29.87
CA GLY C 96 22.85 -2.28 30.41
C GLY C 96 22.51 -1.07 29.56
N LYS C 97 23.15 -0.89 28.40
CA LYS C 97 23.00 0.33 27.61
C LYS C 97 22.90 0.01 26.13
N LEU C 98 22.18 0.87 25.42
CA LEU C 98 21.98 0.77 23.97
C LEU C 98 22.74 1.93 23.32
N LEU C 99 23.66 1.60 22.41
CA LEU C 99 24.51 2.57 21.73
C LEU C 99 23.84 2.90 20.40
N PHE C 100 22.87 3.82 20.45
CA PHE C 100 22.17 4.20 19.22
C PHE C 100 23.13 4.84 18.24
N ALA C 101 24.03 5.67 18.75
CA ALA C 101 25.12 6.26 17.97
C ALA C 101 26.26 6.50 18.94
N PRO C 102 27.46 6.80 18.43
CA PRO C 102 28.58 7.04 19.35
C PRO C 102 28.30 8.15 20.34
N ASN C 103 27.44 9.10 19.97
CA ASN C 103 27.08 10.21 20.84
C ASN C 103 25.66 10.07 21.39
N LEU C 104 25.10 8.86 21.39
CA LEU C 104 23.75 8.64 21.92
C LEU C 104 23.73 7.24 22.55
N LEU C 105 24.26 7.17 23.77
CA LEU C 105 24.30 5.96 24.58
C LEU C 105 23.25 6.11 25.65
N LEU C 106 22.22 5.27 25.62
CA LEU C 106 21.06 5.44 26.48
C LEU C 106 20.95 4.30 27.47
N ASP C 107 20.89 4.67 28.76
CA ASP C 107 20.61 3.78 29.87
C ASP C 107 19.24 3.15 29.69
N ARG C 108 18.96 2.10 30.45
CA ARG C 108 17.61 1.53 30.53
C ARG C 108 16.54 2.58 30.89
N ASN C 109 16.70 3.16 32.06
CA ASN C 109 15.83 4.30 32.37
C ASN C 109 15.51 5.22 31.20
N GLN C 110 16.42 5.69 30.29
CA GLN C 110 15.98 6.57 29.19
C GLN C 110 14.81 6.04 28.32
N GLY C 111 14.69 4.78 28.23
CA GLY C 111 13.70 4.30 27.35
C GLY C 111 12.32 4.61 27.83
N LYS C 112 12.17 4.79 29.13
CA LYS C 112 10.94 5.32 29.72
C LYS C 112 10.37 6.59 29.13
N CYS C 113 11.15 7.39 28.50
CA CYS C 113 10.65 8.69 28.08
C CYS C 113 9.45 8.56 27.16
N VAL C 114 9.38 7.49 26.38
CA VAL C 114 8.30 7.26 25.43
C VAL C 114 7.55 6.00 25.85
N GLU C 115 6.23 6.07 25.78
CA GLU C 115 5.39 4.98 26.26
C GLU C 115 5.71 3.70 25.50
N GLY C 116 6.00 2.63 26.24
CA GLY C 116 6.27 1.33 25.67
C GLY C 116 7.69 1.10 25.23
N MET C 117 8.49 2.17 25.06
CA MET C 117 9.88 1.99 24.65
C MET C 117 10.62 1.09 25.63
N VAL C 118 10.30 1.19 26.93
CA VAL C 118 11.05 0.45 27.94
C VAL C 118 10.92 -1.05 27.70
N GLU C 119 9.73 -1.51 27.32
CA GLU C 119 9.55 -2.92 27.01
C GLU C 119 10.52 -3.35 25.91
N ILE C 120 10.55 -2.60 24.81
CA ILE C 120 11.45 -2.96 23.72
C ILE C 120 12.90 -2.73 24.13
N PHE C 121 13.16 -1.68 24.89
CA PHE C 121 14.49 -1.44 25.42
C PHE C 121 15.03 -2.71 26.10
N ASP C 122 14.25 -3.24 27.03
CA ASP C 122 14.65 -4.42 27.78
C ASP C 122 14.88 -5.61 26.85
N MET C 123 14.09 -5.73 25.79
CA MET C 123 14.32 -6.82 24.85
C MET C 123 15.62 -6.64 24.09
N LEU C 124 15.90 -5.41 23.63
CA LEU C 124 17.13 -5.16 22.92
C LEU C 124 18.34 -5.44 23.80
N LEU C 125 18.26 -5.08 25.09
CA LEU C 125 19.34 -5.34 26.03
C LEU C 125 19.54 -6.84 26.26
N ALA C 126 18.45 -7.60 26.40
CA ALA C 126 18.59 -9.05 26.54
C ALA C 126 19.27 -9.65 25.32
N THR C 127 18.97 -9.15 24.12
CA THR C 127 19.63 -9.69 22.93
C THR C 127 21.11 -9.35 22.92
N SER C 128 21.46 -8.13 23.33
CA SER C 128 22.86 -7.75 23.36
C SER C 128 23.60 -8.62 24.38
N SER C 129 22.95 -8.88 25.52
CA SER C 129 23.54 -9.78 26.49
C SER C 129 23.65 -11.19 25.95
N ARG C 130 22.64 -11.62 25.17
CA ARG C 130 22.76 -12.95 24.59
C ARG C 130 23.99 -13.03 23.70
N PHE C 131 24.14 -12.06 22.79
CA PHE C 131 25.28 -12.05 21.88
C PHE C 131 26.59 -12.08 22.65
N ARG C 132 26.71 -11.23 23.67
CA ARG C 132 27.92 -11.19 24.48
C ARG C 132 28.25 -12.56 25.02
N MET C 133 27.26 -13.28 25.54
CA MET C 133 27.53 -14.55 26.21
C MET C 133 27.89 -15.64 25.20
N MET C 134 27.37 -15.56 23.98
CA MET C 134 27.80 -16.46 22.92
C MET C 134 29.09 -16.03 22.24
N ASN C 135 29.63 -14.87 22.60
CA ASN C 135 30.82 -14.30 21.96
C ASN C 135 30.61 -14.23 20.45
N LEU C 136 29.51 -13.59 20.06
CA LEU C 136 29.23 -13.43 18.64
C LEU C 136 30.37 -12.71 17.95
N GLN C 137 30.82 -13.24 16.82
CA GLN C 137 31.92 -12.68 16.06
C GLN C 137 31.41 -11.84 14.89
N GLY C 138 32.22 -10.86 14.50
CA GLY C 138 31.80 -9.93 13.45
C GLY C 138 31.42 -10.62 12.15
N GLU C 139 32.24 -11.59 11.72
CA GLU C 139 31.91 -12.38 10.53
C GLU C 139 30.61 -13.13 10.68
N GLU C 140 30.27 -13.57 11.90
CA GLU C 140 28.96 -14.17 12.11
C GLU C 140 27.85 -13.12 12.06
N PHE C 141 28.07 -11.97 12.68
CA PHE C 141 27.07 -10.90 12.66
C PHE C 141 26.65 -10.54 11.22
N VAL C 142 27.61 -10.35 10.32
CA VAL C 142 27.25 -9.93 8.97
C VAL C 142 26.54 -11.05 8.20
N CYS C 143 26.84 -12.32 8.50
CA CYS C 143 26.04 -13.39 7.90
C CYS C 143 24.60 -13.32 8.41
N LEU C 144 24.44 -13.07 9.72
CA LEU C 144 23.11 -13.03 10.31
C LEU C 144 22.29 -11.88 9.72
N LYS C 145 22.91 -10.72 9.57
CA LYS C 145 22.22 -9.55 9.05
C LYS C 145 21.78 -9.81 7.61
N SER C 146 22.61 -10.51 6.86
CA SER C 146 22.24 -10.86 5.49
C SER C 146 21.16 -11.91 5.46
N ILE C 147 21.11 -12.81 6.45
CA ILE C 147 20.02 -13.78 6.49
C ILE C 147 18.71 -13.07 6.75
N ILE C 148 18.73 -12.03 7.58
CA ILE C 148 17.50 -11.32 7.91
C ILE C 148 16.93 -10.66 6.67
N LEU C 149 17.80 -10.07 5.84
CA LEU C 149 17.39 -9.39 4.62
C LEU C 149 16.71 -10.34 3.66
N LEU C 150 17.28 -11.52 3.47
CA LEU C 150 16.76 -12.47 2.50
C LEU C 150 15.63 -13.34 3.04
N ASN C 151 15.62 -13.63 4.35
CA ASN C 151 14.60 -14.51 4.92
C ASN C 151 13.32 -13.81 5.31
N SER C 152 13.40 -12.60 5.86
CA SER C 152 12.24 -12.02 6.53
C SER C 152 11.05 -11.86 5.59
N GLY C 153 11.29 -11.61 4.31
CA GLY C 153 10.17 -11.36 3.39
C GLY C 153 9.93 -12.47 2.38
N VAL C 154 10.76 -13.51 2.41
CA VAL C 154 10.69 -14.50 1.36
C VAL C 154 9.39 -15.30 1.41
N TYR C 155 8.77 -15.43 2.59
CA TYR C 155 7.57 -16.25 2.72
C TYR C 155 6.27 -15.49 2.49
N THR C 156 6.31 -14.19 2.21
CA THR C 156 5.10 -13.44 1.89
C THR C 156 5.13 -12.88 0.46
N PHE C 157 5.88 -13.52 -0.43
CA PHE C 157 5.87 -13.15 -1.85
C PHE C 157 4.53 -13.59 -2.46
N SER C 160 2.84 -17.03 -7.86
CA SER C 160 1.79 -17.55 -8.74
C SER C 160 2.28 -17.72 -10.17
N THR C 161 3.57 -18.04 -10.32
CA THR C 161 4.20 -18.11 -11.64
C THR C 161 5.61 -18.66 -11.51
N LEU C 162 6.10 -19.26 -12.59
CA LEU C 162 7.43 -19.84 -12.58
C LEU C 162 8.48 -18.83 -12.15
N LYS C 163 8.35 -17.59 -12.62
CA LYS C 163 9.29 -16.55 -12.23
C LYS C 163 9.34 -16.36 -10.73
N SER C 164 8.17 -16.36 -10.08
CA SER C 164 8.12 -16.21 -8.63
C SER C 164 8.81 -17.38 -7.93
N LEU C 165 8.63 -18.59 -8.46
CA LEU C 165 9.30 -19.72 -7.85
C LEU C 165 10.80 -19.71 -8.11
N GLU C 166 11.23 -19.21 -9.28
CA GLU C 166 12.66 -19.08 -9.52
C GLU C 166 13.30 -18.10 -8.55
N GLU C 167 12.63 -16.98 -8.28
CA GLU C 167 13.19 -16.03 -7.32
C GLU C 167 13.21 -16.65 -5.92
N LYS C 168 12.10 -17.26 -5.51
CA LYS C 168 12.07 -17.92 -4.20
C LYS C 168 13.15 -18.99 -4.14
N ASP C 169 13.26 -19.81 -5.17
CA ASP C 169 14.26 -20.86 -5.17
C ASP C 169 15.67 -20.27 -5.12
N HIS C 170 15.89 -19.15 -5.82
CA HIS C 170 17.19 -18.47 -5.80
C HIS C 170 17.50 -17.92 -4.41
N ILE C 171 16.52 -17.31 -3.75
CA ILE C 171 16.73 -16.78 -2.40
C ILE C 171 17.15 -17.91 -1.46
N HIS C 172 16.49 -19.06 -1.58
CA HIS C 172 16.82 -20.14 -0.66
C HIS C 172 18.20 -20.74 -0.93
N ARG C 173 18.59 -20.86 -2.17
CA ARG C 173 19.99 -21.01 -2.55
C ARG C 173 21.04 -20.06 -1.96
N VAL C 174 20.80 -18.80 -1.96
CA VAL C 174 21.72 -17.91 -1.33
C VAL C 174 21.74 -18.16 0.17
N LEU C 175 20.57 -18.31 0.80
CA LEU C 175 20.52 -18.59 2.24
C LEU C 175 21.33 -19.82 2.59
N ASP C 176 21.20 -20.88 1.81
CA ASP C 176 22.01 -22.07 2.03
C ASP C 176 23.50 -21.75 1.95
N LYS C 177 23.90 -20.94 0.96
CA LYS C 177 25.30 -20.55 0.85
C LYS C 177 25.77 -19.80 2.09
N ILE C 178 24.92 -18.95 2.66
CA ILE C 178 25.31 -18.22 3.86
C ILE C 178 25.34 -19.17 5.06
N THR C 179 24.40 -20.12 5.11
CA THR C 179 24.51 -21.20 6.10
C THR C 179 25.83 -21.94 5.96
N ASP C 180 26.24 -22.26 4.72
CA ASP C 180 27.51 -22.94 4.51
C ASP C 180 28.66 -22.07 5.02
N THR C 181 28.52 -20.75 4.85
CA THR C 181 29.57 -19.84 5.28
C THR C 181 29.70 -19.81 6.80
N LEU C 182 28.58 -19.72 7.50
CA LEU C 182 28.62 -19.74 8.96
C LEU C 182 29.25 -21.01 9.49
N ILE C 183 28.91 -22.16 8.90
CA ILE C 183 29.52 -23.42 9.32
C ILE C 183 31.01 -23.39 9.09
N HIS C 184 31.43 -22.91 7.90
CA HIS C 184 32.86 -22.83 7.58
C HIS C 184 33.58 -21.96 8.59
N LEU C 185 33.01 -20.81 8.93
CA LEU C 185 33.63 -19.93 9.92
C LEU C 185 33.79 -20.66 11.24
N MET C 186 32.75 -21.40 11.65
CA MET C 186 32.77 -22.14 12.90
C MET C 186 33.80 -23.26 12.87
N ALA C 187 33.82 -24.05 11.78
CA ALA C 187 34.79 -25.13 11.67
C ALA C 187 36.20 -24.57 11.56
N LYS C 188 36.35 -23.46 10.85
CA LYS C 188 37.65 -22.82 10.76
C LYS C 188 38.19 -22.56 12.15
N ALA C 189 37.33 -22.02 13.00
CA ALA C 189 37.73 -21.58 14.32
C ALA C 189 38.19 -22.73 15.20
N GLY C 190 37.68 -23.94 14.94
CA GLY C 190 38.08 -25.12 15.69
C GLY C 190 36.93 -25.85 16.35
N LEU C 191 35.68 -25.39 16.24
CA LEU C 191 34.58 -26.08 16.89
C LEU C 191 34.40 -27.48 16.30
N THR C 192 33.98 -28.42 17.14
CA THR C 192 33.62 -29.74 16.67
C THR C 192 32.34 -29.67 15.83
N LEU C 193 32.04 -30.77 15.12
CA LEU C 193 30.78 -30.82 14.36
C LEU C 193 29.52 -30.55 15.23
N GLN C 194 29.73 -30.82 16.52
CA GLN C 194 28.72 -31.27 17.32
C GLN C 194 28.29 -29.86 17.59
N GLN C 195 29.36 -29.11 18.09
CA GLN C 195 29.38 -27.62 18.48
C GLN C 195 28.96 -26.73 17.32
N GLN C 196 29.36 -27.11 16.11
CA GLN C 196 29.01 -26.32 14.93
C GLN C 196 27.50 -26.30 14.71
N HIS C 197 26.86 -27.48 14.73
CA HIS C 197 25.40 -27.55 14.65
C HIS C 197 24.73 -26.74 15.73
N GLN C 198 25.17 -26.95 16.96
CA GLN C 198 24.51 -26.31 18.09
C GLN C 198 24.59 -24.79 18.00
N ARG C 199 25.77 -24.26 17.62
CA ARG C 199 25.94 -22.80 17.55
C ARG C 199 25.14 -22.23 16.38
N LEU C 200 25.13 -22.93 15.25
CA LEU C 200 24.29 -22.48 14.16
C LEU C 200 22.84 -22.36 14.61
N ALA C 201 22.34 -23.36 15.34
CA ALA C 201 20.95 -23.32 15.78
C ALA C 201 20.72 -22.17 16.76
N GLN C 202 21.62 -22.00 17.72
CA GLN C 202 21.49 -20.90 18.67
C GLN C 202 21.44 -19.55 17.98
N LEU C 203 22.31 -19.34 16.98
CA LEU C 203 22.32 -18.07 16.25
C LEU C 203 21.02 -17.85 15.49
N LEU C 204 20.51 -18.89 14.81
CA LEU C 204 19.29 -18.73 14.03
C LEU C 204 18.04 -18.60 14.90
N LEU C 205 18.05 -19.21 16.10
CA LEU C 205 16.91 -19.07 16.99
C LEU C 205 16.77 -17.65 17.52
N ILE C 206 17.89 -16.96 17.69
CA ILE C 206 17.85 -15.55 18.08
C ILE C 206 17.14 -14.70 17.04
N LEU C 207 17.20 -15.09 15.77
CA LEU C 207 16.48 -14.32 14.75
C LEU C 207 14.98 -14.29 15.00
N SER C 208 14.41 -15.34 15.60
CA SER C 208 13.00 -15.31 15.97
C SER C 208 12.71 -14.22 16.99
N HIS C 209 13.63 -14.00 17.93
CA HIS C 209 13.43 -12.94 18.92
C HIS C 209 13.59 -11.56 18.29
N ILE C 210 14.48 -11.41 17.31
CA ILE C 210 14.64 -10.11 16.67
C ILE C 210 13.38 -9.78 15.86
N ARG C 211 12.81 -10.79 15.19
CA ARG C 211 11.54 -10.58 14.51
C ARG C 211 10.48 -10.11 15.48
N HIS C 212 10.40 -10.75 16.65
CA HIS C 212 9.42 -10.36 17.67
C HIS C 212 9.59 -8.89 18.05
N MET C 213 10.82 -8.51 18.43
CA MET C 213 11.06 -7.11 18.78
C MET C 213 10.65 -6.17 17.66
N SER C 214 10.95 -6.53 16.40
CA SER C 214 10.58 -5.67 15.27
C SER C 214 9.07 -5.55 15.15
N ASN C 215 8.35 -6.67 15.29
CA ASN C 215 6.90 -6.58 15.28
C ASN C 215 6.39 -5.72 16.43
N LYS C 216 6.97 -5.88 17.63
CA LYS C 216 6.49 -5.08 18.75
C LYS C 216 6.77 -3.60 18.54
N GLY C 217 7.97 -3.27 18.05
CA GLY C 217 8.27 -1.89 17.73
C GLY C 217 7.23 -1.28 16.83
N MET C 218 6.88 -2.01 15.76
CA MET C 218 5.86 -1.52 14.84
C MET C 218 4.53 -1.31 15.54
N GLU C 219 4.12 -2.26 16.38
CA GLU C 219 2.82 -2.16 17.05
C GLU C 219 2.75 -0.95 17.95
N HIS C 220 3.70 -0.83 18.88
CA HIS C 220 3.76 0.31 19.79
C HIS C 220 3.76 1.62 19.02
N LEU C 221 4.55 1.68 17.95
CA LEU C 221 4.63 2.85 17.09
C LEU C 221 3.28 3.55 16.99
N TYR C 222 2.35 2.87 16.31
CA TYR C 222 1.02 3.40 16.10
C TYR C 222 0.38 3.74 17.43
N SER C 223 0.18 5.04 17.68
CA SER C 223 -0.40 5.51 18.93
C SER C 223 0.62 5.40 20.06
N ASN C 228 3.73 9.62 9.70
CA ASN C 228 3.91 8.30 9.10
C ASN C 228 5.37 8.02 8.82
N VAL C 229 6.12 7.65 9.87
CA VAL C 229 7.58 7.53 9.77
C VAL C 229 8.04 6.22 9.16
N VAL C 230 7.15 5.29 8.86
CA VAL C 230 7.60 4.04 8.24
C VAL C 230 8.00 4.32 6.79
N PRO C 231 9.17 3.87 6.34
CA PRO C 231 9.55 4.08 4.94
C PRO C 231 8.60 3.38 3.98
N SER C 232 8.08 4.15 3.02
CA SER C 232 7.08 3.61 2.10
C SER C 232 7.75 2.76 1.02
N TYR C 233 6.97 1.86 0.44
CA TYR C 233 7.43 1.12 -0.73
C TYR C 233 8.03 2.07 -1.75
N ASP C 234 7.30 3.13 -2.08
CA ASP C 234 7.74 4.06 -3.12
C ASP C 234 9.07 4.72 -2.76
N LEU C 235 9.24 5.06 -1.48
CA LEU C 235 10.51 5.63 -1.04
C LEU C 235 11.64 4.63 -1.22
N LEU C 236 11.44 3.40 -0.76
CA LEU C 236 12.49 2.39 -0.85
C LEU C 236 12.86 2.11 -2.30
N LEU C 237 11.87 2.10 -3.19
CA LEU C 237 12.17 1.86 -4.59
C LEU C 237 12.92 3.04 -5.20
N GLU C 238 12.57 4.26 -4.82
CA GLU C 238 13.33 5.41 -5.30
C GLU C 238 14.78 5.31 -4.85
N MET C 239 15.02 4.90 -3.61
CA MET C 239 16.38 4.83 -3.11
C MET C 239 17.16 3.70 -3.76
N LEU C 240 16.49 2.59 -4.10
CA LEU C 240 17.17 1.52 -4.81
C LEU C 240 17.53 1.93 -6.22
N ASP C 241 16.65 2.67 -6.89
CA ASP C 241 16.93 3.06 -8.27
C ASP C 241 18.06 4.09 -8.34
N ALA C 242 18.25 4.85 -7.27
CA ALA C 242 19.29 5.89 -7.26
C ALA C 242 20.64 5.27 -6.88
N SER D 1 19.62 -33.42 34.88
CA SER D 1 18.26 -33.86 34.55
C SER D 1 18.29 -35.14 33.71
N LEU D 2 17.25 -35.96 33.86
CA LEU D 2 17.07 -37.08 32.96
C LEU D 2 16.89 -36.64 31.51
N ALA D 3 16.30 -35.46 31.28
CA ALA D 3 16.12 -35.00 29.91
C ALA D 3 17.45 -34.78 29.19
N LEU D 4 18.49 -34.38 29.92
CA LEU D 4 19.80 -34.16 29.32
C LEU D 4 20.53 -35.45 29.03
N SER D 5 20.06 -36.57 29.57
CA SER D 5 20.66 -37.87 29.29
C SER D 5 19.94 -38.63 28.19
N LEU D 6 18.94 -38.03 27.56
CA LEU D 6 18.18 -38.73 26.53
C LEU D 6 18.98 -38.80 25.23
N THR D 7 18.88 -39.94 24.56
CA THR D 7 19.41 -40.05 23.21
C THR D 7 18.44 -39.43 22.22
N ALA D 8 18.89 -39.31 20.97
CA ALA D 8 18.04 -38.78 19.91
C ALA D 8 16.76 -39.59 19.78
N ASP D 9 16.90 -40.93 19.72
CA ASP D 9 15.73 -41.79 19.58
C ASP D 9 14.77 -41.64 20.76
N GLN D 10 15.29 -41.47 21.98
CA GLN D 10 14.41 -41.34 23.13
C GLN D 10 13.67 -40.01 23.09
N MET D 11 14.35 -38.95 22.68
CA MET D 11 13.73 -37.64 22.53
C MET D 11 12.57 -37.71 21.53
N VAL D 12 12.81 -38.27 20.36
CA VAL D 12 11.73 -38.34 19.36
C VAL D 12 10.60 -39.19 19.88
N SER D 13 10.92 -40.32 20.53
CA SER D 13 9.89 -41.18 21.09
C SER D 13 9.05 -40.43 22.11
N ALA D 14 9.69 -39.70 23.02
CA ALA D 14 8.95 -38.91 24.00
C ALA D 14 7.99 -37.95 23.29
N LEU D 15 8.53 -37.16 22.38
CA LEU D 15 7.73 -36.12 21.74
C LEU D 15 6.60 -36.75 20.93
N LEU D 16 6.90 -37.83 20.20
CA LEU D 16 5.85 -38.48 19.41
C LEU D 16 4.74 -39.01 20.31
N ASP D 17 5.11 -39.58 21.46
CA ASP D 17 4.14 -40.11 22.41
C ASP D 17 3.31 -39.02 23.07
N ALA D 18 3.80 -37.79 23.11
CA ALA D 18 3.08 -36.69 23.74
C ALA D 18 2.16 -35.96 22.78
N GLU D 19 2.16 -36.31 21.50
CA GLU D 19 1.46 -35.53 20.49
C GLU D 19 -0.03 -35.48 20.83
N PRO D 20 -0.65 -34.30 20.87
CA PRO D 20 -2.09 -34.24 21.06
C PRO D 20 -2.82 -34.89 19.89
N PRO D 21 -4.05 -35.32 20.09
CA PRO D 21 -4.84 -35.81 18.96
C PRO D 21 -5.33 -34.63 18.11
N ILE D 22 -5.79 -34.97 16.91
CA ILE D 22 -6.37 -33.98 16.00
C ILE D 22 -7.85 -33.86 16.35
N LEU D 23 -8.25 -32.68 16.79
CA LEU D 23 -9.61 -32.49 17.27
C LEU D 23 -10.54 -32.05 16.13
N TYR D 24 -11.83 -32.27 16.34
CA TYR D 24 -12.85 -31.83 15.40
C TYR D 24 -13.52 -30.56 15.87
N SER D 25 -13.99 -29.76 14.91
CA SER D 25 -14.84 -28.64 15.26
C SER D 25 -16.23 -29.15 15.63
N GLU D 26 -16.76 -28.59 16.72
CA GLU D 26 -17.95 -29.07 17.40
C GLU D 26 -19.15 -28.17 17.08
N SER D 37 -20.84 -18.68 13.33
CA SER D 37 -19.79 -17.69 13.23
C SER D 37 -18.44 -18.40 13.12
N MET D 38 -17.54 -17.85 12.32
CA MET D 38 -16.27 -18.51 12.11
C MET D 38 -15.34 -18.33 13.32
N MET D 39 -15.27 -17.13 13.88
CA MET D 39 -14.56 -16.97 15.14
C MET D 39 -15.13 -17.89 16.21
N GLY D 40 -16.45 -18.07 16.23
CA GLY D 40 -17.04 -18.98 17.20
C GLY D 40 -16.44 -20.38 17.09
N LEU D 41 -16.43 -20.93 15.88
CA LEU D 41 -15.91 -22.27 15.66
C LEU D 41 -14.43 -22.35 15.99
N LEU D 42 -13.65 -21.36 15.54
CA LEU D 42 -12.21 -21.39 15.81
C LEU D 42 -11.92 -21.20 17.29
N THR D 43 -12.65 -20.29 17.95
CA THR D 43 -12.46 -20.09 19.38
C THR D 43 -12.72 -21.38 20.15
N ASN D 44 -13.84 -22.05 19.85
CA ASN D 44 -14.15 -23.31 20.53
C ASN D 44 -13.06 -24.36 20.31
N LEU D 45 -12.58 -24.47 19.07
CA LEU D 45 -11.52 -25.44 18.74
C LEU D 45 -10.24 -25.13 19.50
N ALA D 46 -9.75 -23.90 19.38
CA ALA D 46 -8.54 -23.49 20.09
C ALA D 46 -8.65 -23.72 21.59
N ASP D 47 -9.82 -23.42 22.18
CA ASP D 47 -10.00 -23.62 23.61
C ASP D 47 -9.80 -25.07 24.00
N ARG D 48 -10.32 -26.00 23.18
CA ARG D 48 -10.13 -27.42 23.48
C ARG D 48 -8.69 -27.83 23.18
N GLU D 49 -8.07 -27.26 22.15
CA GLU D 49 -6.67 -27.56 21.88
C GLU D 49 -5.76 -27.10 23.02
N LEU D 50 -6.12 -25.99 23.67
CA LEU D 50 -5.24 -25.45 24.71
C LEU D 50 -5.08 -26.47 25.84
N VAL D 51 -6.15 -27.17 26.18
CA VAL D 51 -6.10 -28.12 27.29
C VAL D 51 -5.11 -29.24 26.98
N HIS D 52 -5.15 -29.76 25.75
CA HIS D 52 -4.19 -30.77 25.32
C HIS D 52 -2.76 -30.19 25.25
N MET D 53 -2.62 -28.93 24.86
CA MET D 53 -1.30 -28.30 24.79
C MET D 53 -0.62 -28.29 26.15
N ILE D 54 -1.35 -27.93 27.19
CA ILE D 54 -0.77 -27.96 28.54
C ILE D 54 -0.24 -29.35 28.86
N ASN D 55 -1.05 -30.38 28.61
CA ASN D 55 -0.57 -31.73 28.89
C ASN D 55 0.60 -32.09 27.98
N TRP D 56 0.54 -31.68 26.72
CA TRP D 56 1.68 -31.92 25.83
C TRP D 56 2.93 -31.23 26.38
N ALA D 57 2.81 -29.98 26.84
CA ALA D 57 3.97 -29.24 27.30
C ALA D 57 4.60 -29.88 28.54
N LYS D 58 3.79 -30.41 29.46
CA LYS D 58 4.35 -31.06 30.63
C LYS D 58 5.19 -32.29 30.26
N ARG D 59 5.01 -32.82 29.04
CA ARG D 59 5.70 -34.02 28.59
C ARG D 59 6.88 -33.73 27.67
N VAL D 60 7.19 -32.47 27.40
CA VAL D 60 8.36 -32.11 26.61
C VAL D 60 9.59 -32.23 27.51
N PRO D 61 10.55 -33.08 27.20
CA PRO D 61 11.67 -33.28 28.13
C PRO D 61 12.26 -31.98 28.62
N GLY D 62 12.48 -31.89 29.92
CA GLY D 62 13.06 -30.72 30.53
C GLY D 62 12.09 -29.63 30.90
N PHE D 63 10.87 -29.65 30.36
CA PHE D 63 9.92 -28.58 30.65
C PHE D 63 9.52 -28.57 32.12
N VAL D 64 9.19 -29.73 32.68
CA VAL D 64 8.74 -29.76 34.07
C VAL D 64 9.88 -29.51 35.05
N ASP D 65 11.14 -29.50 34.59
CA ASP D 65 12.22 -29.12 35.49
C ASP D 65 12.22 -27.62 35.76
N LEU D 66 11.46 -26.85 35.00
CA LEU D 66 11.38 -25.41 35.21
C LEU D 66 10.39 -25.09 36.32
N THR D 67 10.58 -23.93 36.95
CA THR D 67 9.58 -23.47 37.90
C THR D 67 8.25 -23.27 37.18
N SER D 68 7.17 -23.26 37.98
CA SER D 68 5.85 -22.99 37.42
C SER D 68 5.79 -21.60 36.77
N HIS D 69 6.42 -20.60 37.39
CA HIS D 69 6.46 -19.28 36.79
C HIS D 69 7.07 -19.33 35.39
N ASP D 70 8.14 -20.10 35.22
CA ASP D 70 8.81 -20.14 33.93
C ASP D 70 7.99 -20.95 32.92
N GLN D 71 7.36 -22.04 33.36
CA GLN D 71 6.51 -22.80 32.47
C GLN D 71 5.39 -21.93 31.89
N VAL D 72 4.72 -21.17 32.75
CA VAL D 72 3.66 -20.28 32.29
C VAL D 72 4.22 -19.26 31.29
N HIS D 73 5.36 -18.66 31.62
CA HIS D 73 5.92 -17.64 30.73
C HIS D 73 6.18 -18.21 29.35
N LEU D 74 6.75 -19.42 29.27
CA LEU D 74 6.99 -20.03 27.97
C LEU D 74 5.68 -20.31 27.23
N LEU D 75 4.68 -20.82 27.94
CA LEU D 75 3.42 -21.12 27.27
C LEU D 75 2.69 -19.85 26.85
N GLU D 76 2.73 -18.81 27.68
CA GLU D 76 2.08 -17.56 27.31
C GLU D 76 2.68 -17.00 26.02
N CYS D 77 4.00 -17.10 25.87
CA CYS D 77 4.66 -16.57 24.68
C CYS D 77 4.48 -17.47 23.46
N ALA D 78 4.28 -18.77 23.64
CA ALA D 78 4.34 -19.70 22.52
C ALA D 78 3.01 -20.26 22.03
N TRP D 79 1.90 -20.00 22.73
CA TRP D 79 0.70 -20.81 22.49
C TRP D 79 0.13 -20.65 21.07
N LEU D 80 0.06 -19.42 20.55
CA LEU D 80 -0.50 -19.24 19.21
C LEU D 80 0.45 -19.77 18.14
N GLU D 81 1.76 -19.58 18.31
CA GLU D 81 2.71 -20.22 17.40
C GLU D 81 2.51 -21.73 17.38
N ILE D 82 2.31 -22.36 18.54
CA ILE D 82 2.12 -23.81 18.61
C ILE D 82 0.84 -24.23 17.89
N LEU D 83 -0.25 -23.51 18.12
CA LEU D 83 -1.48 -23.79 17.37
C LEU D 83 -1.24 -23.66 15.87
N MET D 84 -0.55 -22.59 15.45
CA MET D 84 -0.35 -22.30 14.02
C MET D 84 0.53 -23.35 13.37
N ILE D 85 1.61 -23.77 14.02
CA ILE D 85 2.46 -24.79 13.40
C ILE D 85 1.71 -26.11 13.32
N GLY D 86 0.86 -26.44 14.30
CA GLY D 86 0.01 -27.62 14.16
C GLY D 86 -0.94 -27.51 12.97
N LEU D 87 -1.52 -26.33 12.77
CA LEU D 87 -2.43 -26.13 11.63
C LEU D 87 -1.69 -26.31 10.31
N VAL D 88 -0.48 -25.75 10.20
CA VAL D 88 0.29 -25.84 8.97
C VAL D 88 0.63 -27.29 8.67
N TRP D 89 1.01 -28.04 9.71
CA TRP D 89 1.31 -29.47 9.57
C TRP D 89 0.11 -30.26 9.07
N ARG D 90 -1.07 -30.00 9.65
CA ARG D 90 -2.29 -30.70 9.25
C ARG D 90 -2.65 -30.40 7.80
N SER D 91 -2.27 -29.24 7.31
CA SER D 91 -2.70 -28.74 6.02
C SER D 91 -1.73 -29.08 4.89
N MET D 92 -0.58 -29.66 5.23
CA MET D 92 0.44 -29.91 4.22
C MET D 92 -0.11 -30.63 3.01
N GLU D 93 -0.87 -31.69 3.24
CA GLU D 93 -1.37 -32.50 2.15
C GLU D 93 -2.60 -31.90 1.48
N HIS D 94 -3.02 -30.68 1.84
CA HIS D 94 -4.18 -30.01 1.24
C HIS D 94 -3.74 -28.68 0.67
N PRO D 95 -3.08 -28.67 -0.49
CA PRO D 95 -2.51 -27.42 -1.02
C PRO D 95 -3.61 -26.40 -1.30
N GLY D 96 -3.36 -25.15 -0.91
CA GLY D 96 -4.33 -24.12 -1.08
C GLY D 96 -5.43 -24.10 -0.04
N LYS D 97 -5.33 -24.93 1.00
CA LYS D 97 -6.38 -25.04 1.99
C LYS D 97 -5.75 -25.16 3.37
N LEU D 98 -6.51 -24.72 4.36
CA LEU D 98 -6.12 -24.83 5.76
C LEU D 98 -7.08 -25.80 6.45
N LEU D 99 -6.52 -26.86 7.03
CA LEU D 99 -7.30 -27.89 7.71
C LEU D 99 -7.34 -27.60 9.20
N PHE D 100 -8.20 -26.65 9.58
CA PHE D 100 -8.41 -26.35 10.99
C PHE D 100 -8.85 -27.60 11.74
N ALA D 101 -9.67 -28.42 11.11
CA ALA D 101 -10.11 -29.71 11.64
C ALA D 101 -10.52 -30.57 10.48
N PRO D 102 -10.58 -31.89 10.66
CA PRO D 102 -11.00 -32.75 9.54
C PRO D 102 -12.36 -32.38 8.99
N ASN D 103 -13.18 -31.66 9.75
CA ASN D 103 -14.49 -31.22 9.29
C ASN D 103 -14.57 -29.71 9.23
N LEU D 104 -13.43 -29.05 9.08
CA LEU D 104 -13.34 -27.61 8.91
C LEU D 104 -12.09 -27.35 8.06
N LEU D 105 -12.21 -27.62 6.76
CA LEU D 105 -11.17 -27.37 5.79
C LEU D 105 -11.55 -26.11 5.02
N LEU D 106 -10.75 -25.06 5.15
CA LEU D 106 -11.13 -23.76 4.63
C LEU D 106 -10.27 -23.35 3.44
N ASP D 107 -10.94 -22.85 2.42
CA ASP D 107 -10.34 -22.25 1.25
C ASP D 107 -9.81 -20.87 1.59
N ARG D 108 -9.01 -20.36 0.68
CA ARG D 108 -8.59 -18.97 0.80
C ARG D 108 -9.76 -18.02 0.88
N ASN D 109 -10.79 -18.28 0.11
CA ASN D 109 -11.76 -17.25 -0.21
C ASN D 109 -12.69 -16.99 0.96
N GLN D 110 -13.13 -18.07 1.58
CA GLN D 110 -13.38 -18.20 3.00
C GLN D 110 -12.64 -17.32 4.00
N GLY D 111 -11.36 -17.06 3.80
CA GLY D 111 -10.66 -16.21 4.75
C GLY D 111 -11.13 -14.76 4.68
N GLY D 116 -9.84 -8.85 8.51
CA GLY D 116 -8.40 -8.84 8.29
C GLY D 116 -7.74 -10.20 8.36
N MET D 117 -8.46 -11.23 7.89
CA MET D 117 -8.05 -12.61 8.07
C MET D 117 -7.36 -13.20 6.85
N VAL D 118 -7.53 -12.60 5.67
CA VAL D 118 -6.91 -13.19 4.48
C VAL D 118 -5.38 -13.08 4.54
N GLU D 119 -4.85 -12.02 5.14
CA GLU D 119 -3.39 -11.84 5.21
C GLU D 119 -2.73 -12.94 6.01
N ILE D 120 -3.24 -13.22 7.22
CA ILE D 120 -2.71 -14.32 8.04
C ILE D 120 -2.91 -15.64 7.32
N PHE D 121 -4.08 -15.81 6.75
CA PHE D 121 -4.31 -17.00 5.96
C PHE D 121 -3.39 -17.21 4.78
N ASP D 122 -3.03 -16.16 4.03
CA ASP D 122 -2.04 -16.38 2.97
C ASP D 122 -0.69 -16.81 3.55
N MET D 123 -0.30 -16.23 4.69
CA MET D 123 0.98 -16.58 5.31
C MET D 123 1.00 -18.02 5.78
N LEU D 124 -0.12 -18.50 6.37
CA LEU D 124 -0.20 -19.89 6.80
C LEU D 124 -0.08 -20.84 5.61
N LEU D 125 -0.71 -20.49 4.49
CA LEU D 125 -0.63 -21.35 3.31
C LEU D 125 0.80 -21.41 2.78
N ALA D 126 1.49 -20.26 2.75
CA ALA D 126 2.88 -20.25 2.31
C ALA D 126 3.75 -21.10 3.20
N THR D 127 3.42 -21.18 4.50
CA THR D 127 4.22 -22.01 5.38
C THR D 127 3.97 -23.50 5.11
N SER D 128 2.71 -23.87 4.88
CA SER D 128 2.37 -25.24 4.56
C SER D 128 3.02 -25.67 3.26
N SER D 129 3.05 -24.79 2.26
CA SER D 129 3.73 -25.07 1.00
C SER D 129 5.23 -25.25 1.21
N ARG D 130 5.82 -24.45 2.09
CA ARG D 130 7.25 -24.60 2.38
C ARG D 130 7.53 -25.96 3.01
N PHE D 131 6.72 -26.37 3.98
CA PHE D 131 6.87 -27.70 4.59
C PHE D 131 6.79 -28.79 3.53
N ARG D 132 5.81 -28.69 2.63
CA ARG D 132 5.62 -29.68 1.57
C ARG D 132 6.81 -29.69 0.61
N MET D 133 7.23 -28.50 0.17
CA MET D 133 8.43 -28.35 -0.65
C MET D 133 9.62 -29.09 -0.04
N MET D 134 9.74 -29.02 1.28
CA MET D 134 10.85 -29.61 2.00
C MET D 134 10.62 -31.04 2.44
N ASN D 135 9.45 -31.61 2.16
CA ASN D 135 9.11 -32.95 2.63
C ASN D 135 9.32 -33.08 4.14
N LEU D 136 8.83 -32.10 4.89
CA LEU D 136 8.99 -32.14 6.35
C LEU D 136 8.41 -33.44 6.92
N GLN D 137 9.18 -34.09 7.79
CA GLN D 137 8.79 -35.36 8.39
C GLN D 137 8.20 -35.15 9.78
N GLY D 138 7.33 -36.09 10.18
CA GLY D 138 6.66 -35.99 11.47
C GLY D 138 7.62 -35.88 12.65
N GLU D 139 8.71 -36.64 12.62
CA GLU D 139 9.70 -36.55 13.69
C GLU D 139 10.38 -35.17 13.73
N GLU D 140 10.58 -34.54 12.57
CA GLU D 140 11.09 -33.20 12.54
C GLU D 140 10.06 -32.21 13.06
N PHE D 141 8.78 -32.43 12.73
CA PHE D 141 7.72 -31.52 13.16
C PHE D 141 7.63 -31.42 14.67
N VAL D 142 7.65 -32.56 15.37
CA VAL D 142 7.51 -32.51 16.83
C VAL D 142 8.72 -31.83 17.45
N CYS D 143 9.92 -32.02 16.88
CA CYS D 143 11.09 -31.30 17.39
C CYS D 143 10.93 -29.80 17.22
N LEU D 144 10.41 -29.37 16.08
CA LEU D 144 10.23 -27.94 15.84
C LEU D 144 9.22 -27.33 16.80
N LYS D 145 8.11 -28.04 17.06
CA LYS D 145 7.09 -27.59 18.00
C LYS D 145 7.65 -27.45 19.41
N SER D 146 8.52 -28.39 19.80
CA SER D 146 9.23 -28.30 21.07
C SER D 146 10.16 -27.08 21.13
N ILE D 147 10.90 -26.81 20.04
CA ILE D 147 11.78 -25.64 20.01
C ILE D 147 10.98 -24.37 20.21
N ILE D 148 9.78 -24.30 19.63
CA ILE D 148 8.95 -23.10 19.76
C ILE D 148 8.61 -22.86 21.23
N LEU D 149 8.20 -23.93 21.94
CA LEU D 149 7.83 -23.81 23.34
C LEU D 149 8.99 -23.27 24.17
N LEU D 150 10.17 -23.86 24.00
CA LEU D 150 11.31 -23.53 24.85
C LEU D 150 11.98 -22.22 24.46
N ASN D 151 11.99 -21.88 23.17
CA ASN D 151 12.70 -20.71 22.69
C ASN D 151 11.90 -19.41 22.69
N SER D 152 10.57 -19.47 22.67
CA SER D 152 9.84 -18.27 22.27
C SER D 152 9.82 -17.23 23.37
N GLY D 153 9.85 -17.65 24.63
CA GLY D 153 9.92 -16.74 25.75
C GLY D 153 11.20 -16.80 26.54
N VAL D 154 12.23 -17.50 26.04
CA VAL D 154 13.45 -17.66 26.83
C VAL D 154 14.20 -16.34 26.93
N TYR D 155 14.27 -15.56 25.82
CA TYR D 155 14.99 -14.30 25.82
C TYR D 155 14.22 -13.16 26.50
N THR D 156 13.01 -13.42 27.02
CA THR D 156 12.24 -12.39 27.70
C THR D 156 11.95 -12.74 29.16
N PHE D 157 12.75 -13.61 29.76
CA PHE D 157 12.66 -13.93 31.19
C PHE D 157 13.16 -12.75 32.03
N SER D 164 16.31 -16.24 37.21
CA SER D 164 16.88 -17.56 37.47
C SER D 164 17.83 -17.94 36.33
N LEU D 165 19.11 -17.63 36.52
CA LEU D 165 20.11 -17.95 35.50
C LEU D 165 20.21 -19.46 35.27
N GLU D 166 20.10 -20.24 36.34
CA GLU D 166 20.18 -21.69 36.18
C GLU D 166 19.10 -22.21 35.24
N GLU D 167 17.91 -21.61 35.29
CA GLU D 167 16.83 -22.04 34.41
C GLU D 167 17.14 -21.73 32.95
N LYS D 168 17.64 -20.51 32.68
CA LYS D 168 17.96 -20.12 31.31
C LYS D 168 19.02 -21.06 30.73
N ASP D 169 20.04 -21.39 31.51
CA ASP D 169 21.02 -22.36 31.02
C ASP D 169 20.37 -23.70 30.73
N HIS D 170 19.49 -24.18 31.61
CA HIS D 170 18.85 -25.47 31.40
C HIS D 170 18.07 -25.48 30.08
N ILE D 171 17.27 -24.44 29.85
CA ILE D 171 16.51 -24.34 28.61
C ILE D 171 17.44 -24.48 27.41
N HIS D 172 18.56 -23.78 27.44
CA HIS D 172 19.44 -23.80 26.28
C HIS D 172 20.13 -25.15 26.10
N ARG D 173 20.38 -25.88 27.19
CA ARG D 173 20.93 -27.23 27.04
C ARG D 173 19.88 -28.18 26.46
N VAL D 174 18.61 -27.99 26.79
CA VAL D 174 17.58 -28.82 26.17
C VAL D 174 17.47 -28.48 24.69
N LEU D 175 17.57 -27.20 24.35
CA LEU D 175 17.53 -26.78 22.95
C LEU D 175 18.69 -27.41 22.17
N ASP D 176 19.88 -27.44 22.76
CA ASP D 176 21.00 -28.14 22.13
C ASP D 176 20.70 -29.62 21.93
N LYS D 177 20.03 -30.26 22.90
CA LYS D 177 19.65 -31.66 22.72
C LYS D 177 18.70 -31.85 21.54
N ILE D 178 17.76 -30.92 21.36
CA ILE D 178 16.81 -31.07 20.26
C ILE D 178 17.52 -30.80 18.93
N THR D 179 18.50 -29.89 18.91
CA THR D 179 19.36 -29.73 17.73
C THR D 179 20.07 -31.05 17.40
N ASP D 180 20.71 -31.68 18.39
CA ASP D 180 21.37 -32.94 18.12
C ASP D 180 20.39 -33.99 17.62
N THR D 181 19.15 -33.94 18.13
CA THR D 181 18.14 -34.89 17.70
C THR D 181 17.79 -34.68 16.24
N LEU D 182 17.54 -33.42 15.84
CA LEU D 182 17.27 -33.13 14.44
C LEU D 182 18.39 -33.62 13.54
N ILE D 183 19.64 -33.31 13.90
CA ILE D 183 20.78 -33.73 13.08
C ILE D 183 20.83 -35.25 12.98
N HIS D 184 20.59 -35.94 14.08
CA HIS D 184 20.61 -37.41 14.07
C HIS D 184 19.57 -37.95 13.11
N LEU D 185 18.39 -37.34 13.12
CA LEU D 185 17.30 -37.79 12.27
C LEU D 185 17.67 -37.68 10.81
N MET D 186 18.33 -36.58 10.42
CA MET D 186 18.70 -36.39 9.01
C MET D 186 19.88 -37.27 8.63
N ALA D 187 20.86 -37.41 9.52
CA ALA D 187 21.98 -38.31 9.26
C ALA D 187 21.48 -39.73 9.08
N LYS D 188 20.59 -40.17 9.96
CA LYS D 188 19.98 -41.48 9.82
C LYS D 188 19.29 -41.64 8.47
N ALA D 189 18.66 -40.59 7.99
CA ALA D 189 17.92 -40.66 6.73
C ALA D 189 18.80 -40.51 5.50
N GLY D 190 20.12 -40.41 5.67
CA GLY D 190 21.05 -40.40 4.56
C GLY D 190 21.51 -39.05 4.08
N LEU D 191 21.14 -37.96 4.75
CA LEU D 191 21.60 -36.66 4.30
C LEU D 191 23.09 -36.51 4.56
N THR D 192 23.82 -35.96 3.59
CA THR D 192 25.22 -35.67 3.83
C THR D 192 25.37 -34.62 4.95
N LEU D 193 26.58 -34.53 5.48
CA LEU D 193 26.95 -33.44 6.40
C LEU D 193 26.43 -32.08 5.99
N GLN D 194 26.65 -31.71 4.74
CA GLN D 194 26.29 -30.38 4.30
C GLN D 194 24.78 -30.23 4.19
N GLN D 195 24.11 -31.26 3.67
CA GLN D 195 22.64 -31.23 3.63
C GLN D 195 22.05 -31.15 5.03
N GLN D 196 22.72 -31.74 6.02
CA GLN D 196 22.22 -31.72 7.40
C GLN D 196 22.19 -30.31 7.96
N HIS D 197 23.31 -29.59 7.86
CA HIS D 197 23.39 -28.18 8.26
C HIS D 197 22.36 -27.34 7.52
N GLN D 198 22.30 -27.50 6.20
CA GLN D 198 21.45 -26.67 5.37
C GLN D 198 19.99 -26.86 5.76
N ARG D 199 19.57 -28.12 5.95
CA ARG D 199 18.19 -28.35 6.33
C ARG D 199 17.92 -27.88 7.74
N LEU D 200 18.88 -28.05 8.66
CA LEU D 200 18.70 -27.51 9.99
C LEU D 200 18.36 -26.03 9.93
N ALA D 201 19.16 -25.27 9.15
CA ALA D 201 18.96 -23.82 9.04
C ALA D 201 17.63 -23.50 8.38
N GLN D 202 17.24 -24.29 7.37
CA GLN D 202 15.97 -24.02 6.70
C GLN D 202 14.80 -24.19 7.65
N LEU D 203 14.86 -25.21 8.50
CA LEU D 203 13.76 -25.42 9.42
C LEU D 203 13.72 -24.31 10.47
N LEU D 204 14.88 -23.94 11.00
CA LEU D 204 14.88 -22.92 12.05
C LEU D 204 14.48 -21.56 11.51
N LEU D 205 14.84 -21.25 10.26
CA LEU D 205 14.45 -19.97 9.68
C LEU D 205 12.95 -19.86 9.50
N ILE D 206 12.27 -20.98 9.21
CA ILE D 206 10.81 -20.94 9.13
C ILE D 206 10.22 -20.51 10.47
N LEU D 207 10.92 -20.76 11.57
CA LEU D 207 10.37 -20.37 12.87
C LEU D 207 10.26 -18.85 13.01
N SER D 208 11.15 -18.08 12.36
CA SER D 208 10.99 -16.63 12.38
C SER D 208 9.71 -16.21 11.68
N HIS D 209 9.32 -16.91 10.62
CA HIS D 209 8.05 -16.61 9.98
C HIS D 209 6.87 -17.01 10.85
N ILE D 210 6.94 -18.14 11.57
CA ILE D 210 5.84 -18.50 12.45
C ILE D 210 5.68 -17.46 13.55
N ARG D 211 6.80 -16.98 14.10
CA ARG D 211 6.70 -15.93 15.10
C ARG D 211 6.01 -14.69 14.55
N HIS D 212 6.32 -14.34 13.30
CA HIS D 212 5.73 -13.17 12.66
C HIS D 212 4.22 -13.34 12.48
N MET D 213 3.80 -14.52 11.97
CA MET D 213 2.37 -14.80 11.88
C MET D 213 1.67 -14.74 13.24
N SER D 214 2.30 -15.27 14.32
CA SER D 214 1.67 -15.17 15.63
C SER D 214 1.53 -13.71 16.02
N ASN D 215 2.61 -12.93 15.87
CA ASN D 215 2.45 -11.52 16.22
C ASN D 215 1.36 -10.82 15.44
N LYS D 216 1.29 -11.03 14.11
CA LYS D 216 0.22 -10.41 13.33
C LYS D 216 -1.14 -10.89 13.81
N GLY D 217 -1.28 -12.18 14.07
CA GLY D 217 -2.56 -12.70 14.53
C GLY D 217 -3.01 -12.07 15.83
N MET D 218 -2.08 -11.84 16.76
CA MET D 218 -2.43 -11.19 18.00
C MET D 218 -2.86 -9.75 17.78
N GLU D 219 -2.16 -9.02 16.91
CA GLU D 219 -2.47 -7.60 16.76
C GLU D 219 -3.79 -7.40 16.04
N HIS D 220 -4.07 -8.22 15.02
CA HIS D 220 -5.37 -8.12 14.37
C HIS D 220 -6.48 -8.37 15.39
N LEU D 221 -6.30 -9.36 16.26
CA LEU D 221 -7.26 -9.61 17.32
C LEU D 221 -7.50 -8.36 18.12
N TYR D 222 -6.41 -7.68 18.53
CA TYR D 222 -6.61 -6.56 19.41
C TYR D 222 -7.20 -5.48 18.43
N ASN D 228 -8.39 -10.31 25.01
CA ASN D 228 -9.58 -10.73 25.73
C ASN D 228 -9.71 -12.24 25.67
N VAL D 229 -9.54 -12.81 24.48
CA VAL D 229 -9.71 -14.25 24.30
C VAL D 229 -8.38 -14.95 24.50
N VAL D 230 -7.35 -14.20 24.86
CA VAL D 230 -5.98 -14.68 24.99
C VAL D 230 -5.80 -15.25 26.40
N PRO D 231 -5.27 -16.46 26.55
CA PRO D 231 -5.06 -16.99 27.90
C PRO D 231 -4.11 -16.10 28.70
N SER D 232 -4.55 -15.71 29.89
CA SER D 232 -3.74 -14.84 30.70
C SER D 232 -2.65 -15.64 31.42
N TYR D 233 -1.71 -14.92 32.02
CA TYR D 233 -0.72 -15.56 32.88
C TYR D 233 -1.40 -16.44 33.93
N ASP D 234 -2.40 -15.89 34.62
CA ASP D 234 -3.07 -16.63 35.69
C ASP D 234 -3.82 -17.84 35.16
N LEU D 235 -4.43 -17.74 33.97
CA LEU D 235 -5.16 -18.87 33.40
C LEU D 235 -4.21 -20.05 33.19
N LEU D 236 -3.04 -19.78 32.64
CA LEU D 236 -2.09 -20.85 32.32
C LEU D 236 -1.53 -21.47 33.59
N LEU D 237 -1.22 -20.64 34.59
CA LEU D 237 -0.75 -21.15 35.87
C LEU D 237 -1.75 -22.14 36.47
N GLU D 238 -3.03 -21.76 36.46
CA GLU D 238 -4.20 -22.58 36.88
C GLU D 238 -4.27 -23.84 36.07
N MET D 239 -4.12 -23.74 34.76
CA MET D 239 -4.23 -24.93 33.92
C MET D 239 -3.04 -25.86 34.17
N LEU D 240 -1.86 -25.29 34.42
CA LEU D 240 -0.69 -26.11 34.75
C LEU D 240 -0.83 -26.74 36.12
N ASP D 241 -1.37 -26.01 37.10
CA ASP D 241 -1.55 -26.57 38.43
C ASP D 241 -2.47 -27.79 38.40
N ALA D 242 -3.52 -27.74 37.58
CA ALA D 242 -4.55 -28.78 37.59
C ALA D 242 -4.17 -29.98 36.73
N1 A1AHW E . -19.41 0.19 -6.89
C2 A1AHW E . -19.36 0.47 -11.03
C4 A1AHW E . -19.04 -1.86 -11.75
C5 A1AHW E . -18.49 -2.26 -13.05
C6 A1AHW E . -18.06 -3.57 -13.28
C1 A1AHW E . -19.04 -0.10 -9.65
C10 A1AHW E . -18.43 -1.32 -14.08
C11 A1AHW E . -18.94 -2.39 -10.51
C12 A1AHW E . -17.87 -3.22 -9.90
C13 A1AHW E . -16.53 -3.09 -10.29
C14 A1AHW E . -15.56 -3.87 -9.68
C15 A1AHW E . -15.93 -4.78 -8.69
C16 A1AHW E . -17.26 -4.92 -8.30
C17 A1AHW E . -18.23 -4.13 -8.90
C18 A1AHW E . -19.75 -1.47 -9.64
C19 A1AHW E . -20.49 -0.04 -5.94
C20 A1AHW E . -20.20 -0.34 -4.53
C21 A1AHW E . -18.10 -0.28 -6.73
C22 A1AHW E . -17.04 0.62 -6.83
C23 A1AHW E . -15.74 0.19 -6.67
C24 A1AHW E . -15.49 -1.16 -6.42
C25 A1AHW E . -13.74 -2.82 -6.35
C26 A1AHW E . -16.55 -2.08 -6.34
C27 A1AHW E . -17.86 -1.63 -6.49
C3 A1AHW E . -20.07 -0.75 -11.63
C7 A1AHW E . -17.55 -3.92 -14.54
C8 A1AHW E . -17.49 -2.98 -15.55
C9 A1AHW E . -17.92 -1.67 -15.33
O1 A1AHW E . -21.24 1.09 -8.61
O2 A1AHW E . -16.98 -3.34 -16.77
O3 A1AHW E . -14.98 -5.55 -8.09
O4 A1AHW E . -20.81 -1.12 -10.49
O6 A1AHW E . -14.16 -1.47 -6.29
O7 A1AHW E . -18.97 2.30 -8.43
S1 A1AHW E . -19.79 1.08 -8.38
H5 A1AHW E . -20.02 1.35 -10.99
H4 A1AHW E . -18.47 0.75 -11.60
H6 A1AHW E . -18.11 -4.32 -12.51
H1 A1AHW E . -17.97 -0.24 -9.46
H10 A1AHW E . -18.78 -0.31 -13.92
H11 A1AHW E . -16.24 -2.39 -11.06
H12 A1AHW E . -14.53 -3.78 -9.98
H14 A1AHW E . -17.54 -5.62 -7.54
H15 A1AHW E . -19.26 -4.23 -8.59
H3 A1AHW E . -20.12 -1.88 -8.70
H17 A1AHW E . -21.12 -0.86 -6.33
H16 A1AHW E . -21.15 0.82 -5.98
H18 A1AHW E . -20.54 -1.34 -4.25
H19 A1AHW E . -19.68 0.51 -4.06
H21 A1AHW E . -17.22 1.67 -7.04
H22 A1AHW E . -14.93 0.90 -6.73
H23 A1AHW E . -14.35 -3.41 -5.67
H24 A1AHW E . -12.70 -2.89 -6.05
H25 A1AHW E . -13.85 -3.19 -7.36
H26 A1AHW E . -16.38 -3.13 -6.15
H27 A1AHW E . -18.67 -2.34 -6.44
H2 A1AHW E . -20.73 -0.58 -12.49
H7 A1AHW E . -17.21 -4.93 -14.71
H9 A1AHW E . -17.86 -0.92 -16.12
H8 A1AHW E . -17.47 -4.06 -17.19
H13 A1AHW E . -14.37 -5.96 -8.72
N1 A1AHW F . -9.83 18.55 4.39
C2 A1AHW F . -8.04 21.37 1.98
C4 A1AHW F . -8.41 23.41 3.36
C5 A1AHW F . -8.50 24.75 2.79
C6 A1AHW F . -8.94 25.86 3.52
C1 A1AHW F . -9.01 20.79 3.02
C10 A1AHW F . -8.10 24.91 1.46
C11 A1AHW F . -9.07 22.80 4.37
C12 A1AHW F . -10.36 23.13 5.02
C13 A1AHW F . -11.48 23.55 4.28
C14 A1AHW F . -12.69 23.83 4.92
C15 A1AHW F . -12.79 23.70 6.29
C16 A1AHW F . -11.70 23.28 7.02
C17 A1AHW F . -10.49 22.98 6.40
C18 A1AHW F . -8.53 21.39 4.34
C19 A1AHW F . -9.22 17.86 5.40
C21 A1AHW F . -11.17 18.91 4.50
C22 A1AHW F . -11.67 19.70 5.54
C23 A1AHW F . -13.02 20.02 5.56
C24 A1AHW F . -13.87 19.59 4.55
C25 A1AHW F . -15.45 21.21 5.21
C26 A1AHW F . -13.37 18.80 3.50
C27 A1AHW F . -12.03 18.47 3.49
C3 A1AHW F . -7.36 22.42 2.86
C7 A1AHW F . -8.99 27.11 2.92
C8 A1AHW F . -8.59 27.25 1.60
C9 A1AHW F . -8.15 26.16 0.86
O1 A1AHW F . -9.41 18.43 1.79
O2 A1AHW F . -8.64 28.48 1.01
O3 A1AHW F . -13.97 23.98 6.95
O4 A1AHW F . -7.18 21.60 4.00
O6 A1AHW F . -15.19 19.95 4.65
O7 A1AHW F . -7.42 18.54 3.39
S1 A1AHW F . -8.79 18.92 3.02
H5 A1AHW F . -7.33 20.64 1.60
H4 A1AHW F . -8.55 21.83 1.13
H6 A1AHW F . -9.25 25.75 4.55
H1 A1AHW F . -10.05 21.04 2.82
H10 A1AHW F . -7.74 24.06 0.88
H11 A1AHW F . -11.41 23.67 3.21
H12 A1AHW F . -13.54 24.16 4.32
H14 A1AHW F . -11.77 23.17 8.10
H15 A1AHW F . -9.65 22.65 6.99
H3 A1AHW F . -8.60 20.81 5.26
H17 A1AHW F . -9.97 17.30 5.95
H16 A1AHW F . -8.14 18.07 5.36
H21 A1AHW F . -11.03 20.05 6.33
H22 A1AHW F . -13.41 20.62 6.37
H23 A1AHW F . -16.45 21.54 4.89
H24 A1AHW F . -15.42 21.13 6.29
H25 A1AHW F . -14.71 21.92 4.86
H26 A1AHW F . -14.01 18.43 2.71
H27 A1AHW F . -11.65 17.87 2.67
H2 A1AHW F . -6.42 22.85 2.51
H7 A1AHW F . -9.33 27.97 3.49
H9 A1AHW F . -7.85 26.27 -0.17
H8 A1AHW F . -9.19 28.50 0.22
H13 A1AHW F . -14.15 24.92 7.01
N1 A1AHW G . 9.90 1.90 18.13
C2 A1AHW G . 13.83 0.68 18.03
C4 A1AHW G . 14.92 2.64 17.01
C5 A1AHW G . 16.18 2.56 16.27
C6 A1AHW G . 16.65 3.62 15.50
C1 A1AHW G . 12.56 1.46 17.63
C10 A1AHW G . 16.93 1.38 16.38
C11 A1AHW G . 13.83 3.41 16.87
C12 A1AHW G . 13.28 4.14 15.71
C13 A1AHW G . 13.45 3.67 14.40
C14 A1AHW G . 12.91 4.37 13.33
C15 A1AHW G . 12.19 5.53 13.57
C16 A1AHW G . 12.01 6.01 14.88
C17 A1AHW G . 12.55 5.30 15.94
C18 A1AHW G . 12.90 2.92 17.97
C19 A1AHW G . 9.22 2.50 19.13
C21 A1AHW G . 9.64 2.12 16.77
C22 A1AHW G . 9.30 1.05 15.95
C23 A1AHW G . 9.06 1.24 14.60
C24 A1AHW G . 9.19 2.50 14.03
C25 A1AHW G . 8.95 3.80 12.01
C26 A1AHW G . 9.53 3.59 14.83
C27 A1AHW G . 9.77 3.40 16.20
C3 A1AHW G . 14.75 1.86 18.31
C7 A1AHW G . 17.87 3.50 14.82
C8 A1AHW G . 18.60 2.31 14.94
C9 A1AHW G . 18.13 1.25 15.72
O1 A1AHW G . 11.42 1.15 20.11
O2 A1AHW G . 19.79 2.21 14.28
O3 A1AHW G . 11.65 6.23 12.54
O4 A1AHW G . 13.81 2.67 19.01
O6 A1AHW G . 8.92 2.55 12.69
O7 A1AHW G . 10.83 -0.54 18.24
S1 A1AHW G . 11.15 0.81 18.70
H5 A1AHW G . 13.68 0.05 18.91
H4 A1AHW G . 14.21 0.05 17.23
H6 A1AHW G . 16.10 4.55 15.41
H1 A1AHW G . 12.30 1.36 16.58
H10 A1AHW G . 16.56 0.56 16.99
H11 A1AHW G . 14.00 2.76 14.21
H12 A1AHW G . 13.04 4.00 12.32
H14 A1AHW G . 11.45 6.92 15.05
H15 A1AHW G . 12.41 5.67 16.95
H3 A1AHW G . 12.11 3.59 18.29
H17 A1AHW G . 8.23 2.78 18.78
H16 A1AHW G . 9.85 2.53 20.02
H21 A1AHW G . 9.21 0.05 16.36
H22 A1AHW G . 8.79 0.40 13.98
H23 A1AHW G . 9.98 4.10 11.85
H24 A1AHW G . 8.44 4.54 12.62
H25 A1AHW G . 8.45 3.70 11.05
H26 A1AHW G . 9.61 4.59 14.44
H27 A1AHW G . 10.04 4.24 16.82
H2 A1AHW G . 15.64 1.69 18.92
H7 A1AHW G . 18.23 4.31 14.22
H9 A1AHW G . 18.70 0.34 15.79
H8 A1AHW G . 20.38 2.94 14.45
H13 A1AHW G . 12.24 6.29 11.79
N1 A1AHW H . -6.61 -14.60 14.63
C2 A1AHW H . -4.95 -18.25 13.30
C4 A1AHW H . -6.54 -19.74 14.56
C5 A1AHW H . -6.31 -21.15 14.92
C6 A1AHW H . -7.16 -21.90 15.74
C1 A1AHW H . -5.59 -17.21 14.23
C10 A1AHW H . -5.17 -21.76 14.37
C11 A1AHW H . -7.29 -18.76 15.13
C12 A1AHW H . -7.84 -18.59 16.49
C13 A1AHW H . -7.10 -18.92 17.62
C14 A1AHW H . -7.64 -18.75 18.90
C15 A1AHW H . -8.94 -18.26 19.04
C16 A1AHW H . -9.68 -17.94 17.91
C17 A1AHW H . -9.14 -18.10 16.65
C18 A1AHW H . -7.09 -17.59 14.19
C19 A1AHW H . -7.72 -13.80 14.10
C20 A1AHW H . -7.96 -13.81 12.58
C21 A1AHW H . -6.49 -14.69 16.03
C22 A1AHW H . -7.58 -15.00 16.86
C23 A1AHW H . -7.41 -15.07 18.24
C24 A1AHW H . -6.15 -14.81 18.81
C25 A1AHW H . -7.10 -15.39 20.95
C26 A1AHW H . -5.08 -14.49 17.98
C27 A1AHW H . -5.25 -14.43 16.60
C3 A1AHW H . -6.13 -19.22 13.19
C7 A1AHW H . -6.86 -23.23 16.02
C8 A1AHW H . -5.72 -23.80 15.47
C9 A1AHW H . -4.86 -23.07 14.65
O1 A1AHW H . -4.11 -15.01 13.90
O2 A1AHW H . -5.40 -25.10 15.73
O3 A1AHW H . -9.48 -18.10 20.29
O4 A1AHW H . -7.11 -18.23 12.93
O5 A1AHW H . -8.22 -15.11 12.07
O6 A1AHW H . -6.03 -14.89 20.19
O7 A1AHW H . -5.90 -15.42 12.16
S1 A1AHW H . -5.45 -15.45 13.56
H5 A1AHW H . -4.66 -17.84 12.34
H4 A1AHW H . -4.07 -18.73 13.75
H6 A1AHW H . -8.04 -21.45 16.17
H1 A1AHW H . -5.13 -17.26 15.22
H10 A1AHW H . -4.51 -21.20 13.72
H11 A1AHW H . -6.09 -19.29 17.53
H12 A1AHW H . -7.05 -19.00 19.77
H14 A1AHW H . -10.69 -17.56 18.01
H15 A1AHW H . -9.73 -17.83 15.78
H3 A1AHW H . -7.82 -16.80 14.24
H17 A1AHW H . -8.65 -14.12 14.59
H16 A1AHW H . -7.60 -12.78 14.43
H18 A1AHW H . -8.81 -13.16 12.32
H19 A1AHW H . -7.09 -13.39 12.06
H21 A1AHW H . -8.56 -15.21 16.45
H22 A1AHW H . -8.24 -15.31 18.87
H23 A1AHW H . -6.80 -15.42 22.01
H24 A1AHW H . -7.36 -16.39 20.62
H25 A1AHW H . -7.97 -14.73 20.84
H26 A1AHW H . -4.10 -14.28 18.37
H27 A1AHW H . -4.40 -14.20 15.97
H2 A1AHW H . -6.06 -19.99 12.40
H7 A1AHW H . -7.51 -23.80 16.67
H9 A1AHW H . -3.98 -23.53 14.23
H8 A1AHW H . -4.61 -25.19 16.27
H13 A1AHW H . -9.67 -18.93 20.73
H20 A1AHW H . -9.16 -15.29 12.16
#